data_8PJG
#
_entry.id   8PJG
#
_cell.length_a   132.610
_cell.length_b   184.820
_cell.length_c   50.120
_cell.angle_alpha   90.000
_cell.angle_beta   90.000
_cell.angle_gamma   90.000
#
_symmetry.space_group_name_H-M   'P 21 21 2'
#
loop_
_entity.id
_entity.type
_entity.pdbx_description
1 polymer 'HLA class II histocompatibility antigen, DR alpha chain'
2 polymer 'HLA class II histocompatibility antigen, DRB1 beta chain'
3 polymer 'Hemagglutinin HA2 chain'
4 polymer 'T cell receptor alpha chain constant'
5 polymer 'T cell receptor beta constant 1'
6 non-polymer 1,2-ETHANEDIOL
7 non-polymer 1-ETHOXY-2-(2-ETHOXYETHOXY)ETHANE
8 water water
#
loop_
_entity_poly.entity_id
_entity_poly.type
_entity_poly.pdbx_seq_one_letter_code
_entity_poly.pdbx_strand_id
1 'polypeptide(L)'
;MIKEEHVIIQAEFYLNPDQSGEFMFDFDGDEIFHVDMAKKETVWRLEEFGRFASFEAQGALANIAVDKANLEIMTKRSNY
TPITNVPPEVTVLTNSPVELREPNVLICFIDKFTPPVVNVTWLRNGKPVTTGVSETVFLPREDHLFRKFHYLPFLPSTED
VYDCRVEHWGLDEPLLKHWEFDA
;
A
2 'polypeptide(L)'
;MGDTRPRFLWQLKFECHFFNGTERVRLLERCIYNQEESVRFDSDVGEYRAVTELGRPDAEYWNSQKDLLEQRRAAVDTYC
RHNYGVGESFTVQRRVEPKVTVYPSKTQPLQHHNLLVCSVSGFYPGSIEVRWFRNGQEEKAGVVSTGLIQNGDWTFQTLV
MLETVPRSGEVYTCQVEHPSVTSPLTVEWRA
;
B
3 'polypeptide(L)' PKYVKQNTLKLAR C
4 'polypeptide(L)'
;MAQSVTQLGSHVSVSEGALVLLRCNYSSSVPPYLFWYVQYPNQGLQLLLKYTSAATLVKGINGFEAEFKKSETSFHLTKP
SAHMSDAAEYFCAVSEQDDKIIFGKGTRLHILPNIQNPDPAVYQLRDSKSSDKSVCLFTDFDSQTNVSQSKDSDVYITDK
CVLDMRSMDFKSNSAVAWSNKSDFACANAFNNSIIPEDTFFPSPESS
;
D
5 'polypeptide(L)'
;MADVTQTPRNRITKTGKRIMLECSQTKGHDRMYWYRQDPGLGLRLIYYSFDVKDINKGEISDGYSVSRQAQAKFSLSLES
AIPNQTALYFCATSDESYGYTFGSGTRLTVVEDLNKVSPPEVAVFEPSEAEISHTQKATLVCLATGFYPDHVELSWWVNG
KEVHSGVCTDPQPLKEQPALNDSRYALSSRLRVSATFWQNPRNHFRCQVQFYGLSENDEWTQDRAKPVTQIVSAEAWGRA
D
;
E
#
# COMPACT_ATOMS: atom_id res chain seq x y z
N GLU A 4 -33.67 -11.21 6.02
CA GLU A 4 -33.49 -10.87 7.44
C GLU A 4 -32.19 -10.05 7.67
N GLU A 5 -32.03 -9.53 8.88
CA GLU A 5 -30.88 -8.69 9.24
C GLU A 5 -29.64 -9.52 9.53
N HIS A 6 -28.47 -8.94 9.26
CA HIS A 6 -27.18 -9.56 9.57
C HIS A 6 -26.21 -8.47 10.01
N VAL A 7 -25.16 -8.87 10.74
CA VAL A 7 -24.17 -7.91 11.21
C VAL A 7 -22.78 -8.53 11.07
N ILE A 8 -21.87 -7.81 10.39
CA ILE A 8 -20.47 -8.17 10.31
C ILE A 8 -19.65 -7.14 11.08
N ILE A 9 -18.80 -7.61 11.98
CA ILE A 9 -18.02 -6.72 12.85
C ILE A 9 -16.54 -7.02 12.66
N GLN A 10 -15.76 -5.99 12.41
CA GLN A 10 -14.31 -6.08 12.51
C GLN A 10 -13.96 -5.55 13.89
N ALA A 11 -13.38 -6.39 14.74
CA ALA A 11 -13.12 -6.02 16.12
C ALA A 11 -11.64 -6.20 16.44
N GLU A 12 -11.04 -5.16 16.98
CA GLU A 12 -9.62 -5.14 17.29
C GLU A 12 -9.44 -4.65 18.71
N PHE A 13 -8.35 -5.08 19.35
CA PHE A 13 -8.02 -4.45 20.63
C PHE A 13 -6.51 -4.47 20.84
N TYR A 14 -6.04 -3.54 21.71
CA TYR A 14 -4.65 -3.52 22.17
C TYR A 14 -4.65 -3.22 23.67
N LEU A 15 -3.83 -3.96 24.42
CA LEU A 15 -3.86 -3.95 25.89
C LEU A 15 -2.44 -3.73 26.41
N ASN A 16 -2.28 -2.71 27.29
CA ASN A 16 -1.05 -2.41 28.05
C ASN A 16 -1.30 -2.64 29.53
N PRO A 17 -0.29 -3.09 30.25
CA PRO A 17 1.08 -3.32 29.83
C PRO A 17 1.35 -4.70 29.18
N ASP A 18 0.31 -5.51 29.03
CA ASP A 18 0.53 -6.87 28.50
C ASP A 18 1.10 -6.89 27.10
N GLN A 19 0.92 -5.80 26.34
CA GLN A 19 1.27 -5.72 24.91
C GLN A 19 0.59 -6.85 24.16
N SER A 20 -0.71 -6.99 24.37
CA SER A 20 -1.46 -8.02 23.64
C SER A 20 -2.44 -7.35 22.70
N GLY A 21 -2.62 -7.92 21.52
CA GLY A 21 -3.52 -7.33 20.55
C GLY A 21 -4.14 -8.43 19.72
N GLU A 22 -5.38 -8.19 19.30
CA GLU A 22 -6.13 -9.18 18.54
C GLU A 22 -6.89 -8.47 17.44
N PHE A 23 -7.15 -9.22 16.36
CA PHE A 23 -7.84 -8.75 15.18
C PHE A 23 -8.75 -9.85 14.65
N MET A 24 -10.05 -9.58 14.59
CA MET A 24 -10.97 -10.66 14.23
C MET A 24 -12.20 -10.10 13.51
N PHE A 25 -12.80 -10.92 12.65
CA PHE A 25 -14.10 -10.60 12.07
C PHE A 25 -15.15 -11.55 12.63
N ASP A 26 -16.35 -11.02 12.89
CA ASP A 26 -17.47 -11.73 13.52
C ASP A 26 -18.70 -11.56 12.62
N PHE A 27 -19.41 -12.67 12.39
CA PHE A 27 -20.66 -12.68 11.63
C PHE A 27 -21.78 -13.21 12.51
N ASP A 28 -22.73 -12.34 12.85
CA ASP A 28 -23.91 -12.71 13.65
C ASP A 28 -23.51 -13.45 14.93
N GLY A 29 -22.43 -12.99 15.57
CA GLY A 29 -22.02 -13.61 16.81
C GLY A 29 -21.09 -14.81 16.67
N ASP A 30 -20.78 -15.24 15.45
CA ASP A 30 -19.78 -16.29 15.23
C ASP A 30 -18.52 -15.69 14.63
N GLU A 31 -17.38 -16.27 14.97
CA GLU A 31 -16.11 -15.81 14.43
C GLU A 31 -15.86 -16.38 13.02
N ILE A 32 -15.60 -15.48 12.06
CA ILE A 32 -15.18 -15.89 10.73
C ILE A 32 -13.69 -16.20 10.69
N PHE A 33 -12.87 -15.25 11.07
CA PHE A 33 -11.44 -15.51 11.17
C PHE A 33 -10.85 -14.56 12.19
N HIS A 34 -9.64 -14.90 12.63
CA HIS A 34 -8.77 -13.94 13.27
C HIS A 34 -7.41 -14.01 12.62
N VAL A 35 -6.57 -13.04 12.92
CA VAL A 35 -5.23 -13.02 12.36
C VAL A 35 -4.25 -13.40 13.46
N ASP A 36 -3.45 -14.44 13.19
CA ASP A 36 -2.32 -14.79 14.04
C ASP A 36 -1.20 -13.82 13.67
N MET A 37 -0.95 -12.86 14.57
CA MET A 37 -0.02 -11.78 14.26
C MET A 37 1.43 -12.25 14.22
N ALA A 38 1.78 -13.26 15.02
CA ALA A 38 3.15 -13.75 15.04
C ALA A 38 3.50 -14.46 13.75
N LYS A 39 2.61 -15.30 13.25
CA LYS A 39 2.84 -15.98 12.00
C LYS A 39 2.41 -15.16 10.81
N LYS A 40 1.69 -14.05 11.03
CA LYS A 40 1.06 -13.28 9.95
C LYS A 40 0.20 -14.19 9.08
N GLU A 41 -0.70 -14.90 9.72
CA GLU A 41 -1.54 -15.81 8.97
C GLU A 41 -2.99 -15.59 9.35
N THR A 42 -3.88 -15.69 8.36
CA THR A 42 -5.31 -15.70 8.62
C THR A 42 -5.72 -17.07 9.13
N VAL A 43 -6.42 -17.09 10.27
CA VAL A 43 -6.90 -18.32 10.88
C VAL A 43 -8.41 -18.36 10.74
N TRP A 44 -8.87 -19.25 9.85
CA TRP A 44 -10.28 -19.47 9.65
C TRP A 44 -10.88 -20.29 10.78
N ARG A 45 -12.07 -19.90 11.24
CA ARG A 45 -12.68 -20.64 12.35
C ARG A 45 -13.14 -22.02 11.90
N LEU A 46 -13.67 -22.14 10.68
CA LEU A 46 -13.84 -23.44 10.05
C LEU A 46 -12.94 -23.54 8.84
N GLU A 47 -12.44 -24.76 8.58
CA GLU A 47 -11.47 -24.95 7.49
C GLU A 47 -12.04 -24.47 6.16
N GLU A 48 -13.28 -24.86 5.88
CA GLU A 48 -13.92 -24.58 4.60
C GLU A 48 -13.90 -23.11 4.21
N PHE A 49 -13.89 -22.20 5.18
CA PHE A 49 -13.91 -20.77 4.88
C PHE A 49 -12.72 -20.37 4.00
N GLY A 50 -11.52 -20.85 4.35
CA GLY A 50 -10.34 -20.55 3.56
C GLY A 50 -10.41 -21.06 2.13
N ARG A 51 -11.27 -22.04 1.85
CA ARG A 51 -11.41 -22.49 0.47
C ARG A 51 -12.23 -21.51 -0.38
N PHE A 52 -13.08 -20.68 0.23
CA PHE A 52 -13.97 -19.75 -0.46
C PHE A 52 -13.49 -18.30 -0.45
N ALA A 53 -12.61 -17.92 0.48
CA ALA A 53 -12.22 -16.51 0.68
C ALA A 53 -10.79 -16.42 1.21
N SER A 54 -10.21 -15.21 1.10
CA SER A 54 -8.89 -14.97 1.66
C SER A 54 -8.86 -13.60 2.36
N PHE A 55 -7.86 -13.43 3.20
CA PHE A 55 -7.60 -12.14 3.83
C PHE A 55 -6.10 -11.95 3.97
N GLU A 56 -5.58 -10.81 3.53
CA GLU A 56 -4.15 -10.59 3.59
C GLU A 56 -3.76 -10.18 5.00
N ALA A 57 -3.27 -11.19 5.74
CA ALA A 57 -3.06 -11.05 7.18
C ALA A 57 -2.25 -9.80 7.54
N GLN A 58 -1.25 -9.46 6.71
CA GLN A 58 -0.30 -8.39 7.03
C GLN A 58 -1.03 -7.11 7.38
N GLY A 59 -2.15 -6.85 6.71
CA GLY A 59 -2.88 -5.60 6.95
C GLY A 59 -3.28 -5.42 8.39
N ALA A 60 -3.65 -6.52 9.06
CA ALA A 60 -3.99 -6.38 10.49
C ALA A 60 -2.85 -5.79 11.32
N LEU A 61 -1.59 -6.08 10.96
CA LEU A 61 -0.49 -5.52 11.73
C LEU A 61 -0.45 -4.01 11.62
N ALA A 62 -0.81 -3.47 10.45
CA ALA A 62 -0.83 -2.02 10.35
C ALA A 62 -1.91 -1.46 11.24
N ASN A 63 -3.07 -2.12 11.31
CA ASN A 63 -4.12 -1.57 12.17
C ASN A 63 -3.69 -1.65 13.63
N ILE A 64 -3.05 -2.75 13.98
CA ILE A 64 -2.71 -2.90 15.38
C ILE A 64 -1.62 -1.89 15.74
N ALA A 65 -0.73 -1.58 14.82
CA ALA A 65 0.29 -0.57 15.11
C ALA A 65 -0.36 0.76 15.46
N VAL A 66 -1.41 1.13 14.70
CA VAL A 66 -2.11 2.38 14.99
C VAL A 66 -2.91 2.25 16.30
N ASP A 67 -3.52 1.08 16.56
CA ASP A 67 -4.19 0.88 17.85
C ASP A 67 -3.23 1.13 19.01
N LYS A 68 -2.01 0.57 18.92
CA LYS A 68 -1.03 0.74 20.00
C LYS A 68 -0.75 2.24 20.20
N ALA A 69 -0.64 2.99 19.09
CA ALA A 69 -0.37 4.42 19.16
C ALA A 69 -1.56 5.15 19.78
N ASN A 70 -2.79 4.77 19.39
CA ASN A 70 -3.97 5.43 19.96
C ASN A 70 -4.08 5.14 21.45
N LEU A 71 -3.77 3.91 21.85
CA LEU A 71 -3.91 3.58 23.27
C LEU A 71 -2.98 4.47 24.08
N GLU A 72 -1.76 4.71 23.53
CA GLU A 72 -0.84 5.56 24.28
C GLU A 72 -1.38 6.97 24.36
N ILE A 73 -1.93 7.48 23.25
CA ILE A 73 -2.51 8.81 23.26
C ILE A 73 -3.66 8.90 24.26
N MET A 74 -4.57 7.90 24.24
CA MET A 74 -5.73 8.04 25.11
C MET A 74 -5.27 7.84 26.55
N THR A 75 -4.26 6.97 26.75
CA THR A 75 -3.80 6.78 28.12
C THR A 75 -3.31 8.10 28.70
N LYS A 76 -2.52 8.84 27.90
CA LYS A 76 -1.99 10.14 28.31
C LYS A 76 -3.12 11.13 28.48
N ARG A 77 -4.09 11.08 27.58
CA ARG A 77 -5.18 12.04 27.62
C ARG A 77 -5.98 11.87 28.89
N SER A 78 -6.16 10.63 29.36
CA SER A 78 -6.95 10.32 30.56
C SER A 78 -6.16 10.53 31.85
N ASN A 79 -4.96 11.06 31.74
CA ASN A 79 -4.01 11.17 32.83
C ASN A 79 -3.69 9.80 33.45
N TYR A 80 -3.42 8.79 32.61
CA TYR A 80 -3.12 7.43 33.05
C TYR A 80 -4.20 6.87 33.97
N THR A 81 -5.47 6.93 33.50
CA THR A 81 -6.54 6.33 34.28
C THR A 81 -6.75 4.90 33.79
N PRO A 82 -6.72 3.91 34.68
CA PRO A 82 -6.78 2.52 34.23
C PRO A 82 -8.21 2.00 34.10
N ILE A 83 -8.31 0.85 33.45
CA ILE A 83 -9.59 0.19 33.28
C ILE A 83 -10.03 -0.41 34.59
N THR A 84 -11.36 -0.35 34.85
CA THR A 84 -11.97 -1.00 36.02
C THR A 84 -12.24 -2.47 35.66
N ASN A 85 -11.74 -3.40 36.48
CA ASN A 85 -11.90 -4.83 36.20
C ASN A 85 -13.35 -5.25 36.35
N VAL A 86 -13.84 -6.07 35.42
CA VAL A 86 -15.19 -6.63 35.44
C VAL A 86 -15.00 -8.14 35.42
N PRO A 87 -15.42 -8.87 36.44
CA PRO A 87 -15.05 -10.30 36.54
C PRO A 87 -15.98 -11.15 35.70
N PRO A 88 -15.54 -12.32 35.25
CA PRO A 88 -16.37 -13.10 34.33
C PRO A 88 -17.45 -13.91 35.02
N GLU A 89 -18.35 -14.42 34.21
CA GLU A 89 -19.17 -15.53 34.64
C GLU A 89 -18.85 -16.69 33.72
N VAL A 90 -19.01 -17.89 34.27
CA VAL A 90 -18.44 -19.12 33.70
C VAL A 90 -19.51 -20.20 33.67
N THR A 91 -19.74 -20.75 32.48
CA THR A 91 -20.65 -21.87 32.26
C THR A 91 -19.88 -23.05 31.68
N VAL A 92 -20.25 -24.26 32.10
CA VAL A 92 -19.65 -25.47 31.54
C VAL A 92 -20.78 -26.25 30.90
N LEU A 93 -20.59 -26.67 29.66
CA LEU A 93 -21.64 -27.41 28.99
C LEU A 93 -21.02 -28.24 27.88
N THR A 94 -21.86 -28.93 27.11
CA THR A 94 -21.41 -29.72 25.97
C THR A 94 -22.10 -29.26 24.70
N ASN A 95 -21.42 -29.43 23.55
CA ASN A 95 -21.97 -28.97 22.26
C ASN A 95 -23.13 -29.85 21.80
N SER A 96 -23.21 -31.08 22.29
CA SER A 96 -24.21 -32.06 21.91
C SER A 96 -24.49 -32.92 23.13
N PRO A 97 -25.66 -33.56 23.21
CA PRO A 97 -25.98 -34.37 24.38
C PRO A 97 -24.92 -35.41 24.67
N VAL A 98 -24.74 -35.71 25.94
CA VAL A 98 -23.64 -36.55 26.40
C VAL A 98 -24.14 -37.99 26.52
N GLU A 99 -23.39 -38.92 25.94
CA GLU A 99 -23.74 -40.34 25.89
C GLU A 99 -22.52 -41.18 26.24
N LEU A 100 -22.75 -42.28 26.97
CA LEU A 100 -21.65 -43.09 27.49
C LEU A 100 -20.76 -43.60 26.36
N ARG A 101 -19.44 -43.44 26.53
CA ARG A 101 -18.44 -43.94 25.58
C ARG A 101 -18.70 -43.42 24.16
N GLU A 102 -19.07 -42.15 24.08
CA GLU A 102 -19.33 -41.47 22.82
C GLU A 102 -18.60 -40.12 22.86
N PRO A 103 -17.45 -40.01 22.18
CA PRO A 103 -16.64 -38.79 22.28
C PRO A 103 -17.42 -37.50 22.05
N ASN A 104 -17.24 -36.57 22.98
CA ASN A 104 -17.87 -35.25 22.95
C ASN A 104 -16.81 -34.21 23.28
N VAL A 105 -17.21 -32.96 23.48
CA VAL A 105 -16.26 -31.90 23.85
C VAL A 105 -16.88 -31.06 24.95
N LEU A 106 -16.14 -30.86 26.03
CA LEU A 106 -16.54 -29.99 27.12
C LEU A 106 -16.20 -28.54 26.76
N ILE A 107 -17.19 -27.65 26.87
CA ILE A 107 -17.04 -26.22 26.65
C ILE A 107 -17.03 -25.50 27.99
N CYS A 108 -15.98 -24.71 28.22
CA CYS A 108 -15.96 -23.69 29.26
C CYS A 108 -16.18 -22.33 28.60
N PHE A 109 -17.36 -21.74 28.85
CA PHE A 109 -17.76 -20.46 28.30
C PHE A 109 -17.56 -19.37 29.35
N ILE A 110 -16.67 -18.44 29.06
CA ILE A 110 -16.31 -17.33 29.94
C ILE A 110 -16.86 -16.05 29.31
N ASP A 111 -17.55 -15.25 30.09
CA ASP A 111 -18.45 -14.25 29.54
C ASP A 111 -18.43 -13.01 30.42
N LYS A 112 -18.68 -11.86 29.79
CA LYS A 112 -18.95 -10.58 30.46
C LYS A 112 -17.79 -10.14 31.37
N PHE A 113 -16.58 -10.19 30.83
CA PHE A 113 -15.40 -9.78 31.59
C PHE A 113 -14.57 -8.76 30.79
N THR A 114 -13.81 -7.96 31.54
CA THR A 114 -12.74 -7.14 30.97
C THR A 114 -11.75 -6.80 32.09
N PRO A 115 -10.46 -6.58 31.79
CA PRO A 115 -9.73 -6.63 30.50
C PRO A 115 -9.58 -8.05 29.98
N PRO A 116 -9.18 -8.20 28.69
CA PRO A 116 -9.14 -9.55 28.08
C PRO A 116 -7.88 -10.33 28.40
N VAL A 117 -7.77 -10.79 29.64
CA VAL A 117 -6.67 -11.63 30.11
C VAL A 117 -7.28 -12.62 31.09
N VAL A 118 -7.14 -13.90 30.83
CA VAL A 118 -7.81 -14.90 31.67
C VAL A 118 -6.95 -16.16 31.68
N ASN A 119 -6.89 -16.83 32.83
CA ASN A 119 -6.18 -18.09 32.94
C ASN A 119 -7.19 -19.21 33.15
N VAL A 120 -7.21 -20.19 32.24
CA VAL A 120 -8.21 -21.26 32.24
C VAL A 120 -7.50 -22.59 32.42
N THR A 121 -7.95 -23.38 33.39
CA THR A 121 -7.41 -24.70 33.67
C THR A 121 -8.52 -25.73 33.59
N TRP A 122 -8.21 -26.89 33.02
CA TRP A 122 -9.11 -28.04 32.97
C TRP A 122 -8.66 -29.08 34.01
N LEU A 123 -9.58 -29.54 34.85
CA LEU A 123 -9.29 -30.46 35.95
C LEU A 123 -10.17 -31.70 35.80
N ARG A 124 -9.56 -32.87 35.61
CA ARG A 124 -10.30 -34.14 35.58
C ARG A 124 -9.94 -34.95 36.81
N ASN A 125 -10.94 -35.29 37.61
CA ASN A 125 -10.75 -35.97 38.89
C ASN A 125 -9.86 -35.17 39.84
N GLY A 126 -9.79 -33.85 39.64
CA GLY A 126 -9.07 -32.98 40.51
C GLY A 126 -7.67 -32.64 40.05
N LYS A 127 -7.18 -33.30 39.00
CA LYS A 127 -5.84 -33.05 38.49
C LYS A 127 -5.90 -32.36 37.13
N PRO A 128 -4.95 -31.46 36.83
CA PRO A 128 -5.02 -30.72 35.57
C PRO A 128 -4.77 -31.62 34.37
N VAL A 129 -5.49 -31.34 33.28
CA VAL A 129 -5.41 -32.12 32.05
C VAL A 129 -5.41 -31.16 30.86
N THR A 130 -4.54 -31.42 29.87
CA THR A 130 -4.43 -30.58 28.69
C THR A 130 -4.50 -31.32 27.37
N THR A 131 -4.62 -32.66 27.37
CA THR A 131 -4.66 -33.41 26.12
C THR A 131 -5.78 -32.93 25.19
N GLY A 132 -5.41 -32.39 24.03
CA GLY A 132 -6.38 -32.02 23.02
C GLY A 132 -7.11 -30.71 23.26
N VAL A 133 -6.71 -29.92 24.26
CA VAL A 133 -7.43 -28.68 24.53
C VAL A 133 -7.20 -27.67 23.41
N SER A 134 -8.22 -26.85 23.15
CA SER A 134 -8.07 -25.65 22.32
C SER A 134 -8.87 -24.52 22.94
N GLU A 135 -8.74 -23.33 22.37
CA GLU A 135 -9.47 -22.16 22.85
C GLU A 135 -9.70 -21.21 21.69
N THR A 136 -10.65 -20.29 21.87
CA THR A 136 -10.86 -19.21 20.92
C THR A 136 -10.10 -17.96 21.34
N VAL A 137 -10.15 -16.95 20.48
CA VAL A 137 -9.61 -15.64 20.81
C VAL A 137 -10.69 -14.94 21.66
N PHE A 138 -10.42 -13.72 22.12
CA PHE A 138 -11.39 -12.97 22.91
C PHE A 138 -12.43 -12.34 21.98
N LEU A 139 -13.61 -12.74 22.11
CA LEU A 139 -14.73 -12.45 21.25
C LEU A 139 -15.51 -11.22 21.74
N PRO A 140 -16.07 -10.45 20.82
CA PRO A 140 -16.72 -9.19 21.22
C PRO A 140 -18.16 -9.39 21.68
N ARG A 141 -18.60 -8.43 22.50
CA ARG A 141 -19.92 -8.30 23.07
C ARG A 141 -20.36 -6.86 22.86
N GLU A 142 -21.67 -6.65 22.76
CA GLU A 142 -22.19 -5.31 22.52
C GLU A 142 -21.91 -4.33 23.67
N ASP A 143 -21.82 -4.79 24.92
CA ASP A 143 -21.44 -3.87 26.00
C ASP A 143 -19.93 -3.61 26.07
N HIS A 144 -19.13 -4.16 25.14
CA HIS A 144 -17.68 -4.02 25.01
C HIS A 144 -16.94 -4.88 26.02
N LEU A 145 -17.62 -5.71 26.80
CA LEU A 145 -17.00 -6.82 27.50
C LEU A 145 -16.61 -7.92 26.51
N PHE A 146 -16.01 -8.99 27.02
CA PHE A 146 -15.52 -10.10 26.21
C PHE A 146 -16.17 -11.45 26.56
N ARG A 147 -16.18 -12.34 25.55
CA ARG A 147 -16.50 -13.75 25.66
C ARG A 147 -15.28 -14.56 25.23
N LYS A 148 -15.19 -15.80 25.73
CA LYS A 148 -14.17 -16.74 25.31
C LYS A 148 -14.72 -18.14 25.46
N PHE A 149 -14.36 -19.04 24.54
CA PHE A 149 -14.67 -20.47 24.64
C PHE A 149 -13.38 -21.28 24.77
N HIS A 150 -13.31 -22.14 25.79
CA HIS A 150 -12.27 -23.14 25.90
C HIS A 150 -12.88 -24.52 25.69
N TYR A 151 -12.11 -25.42 25.06
CA TYR A 151 -12.62 -26.74 24.72
C TYR A 151 -11.72 -27.86 25.22
N LEU A 152 -12.33 -28.94 25.71
CA LEU A 152 -11.63 -30.16 26.12
C LEU A 152 -12.34 -31.37 25.53
N PRO A 153 -11.80 -32.02 24.50
CA PRO A 153 -12.41 -33.25 24.01
C PRO A 153 -12.29 -34.38 25.04
N PHE A 154 -13.31 -35.23 25.10
CA PHE A 154 -13.32 -36.27 26.11
C PHE A 154 -14.32 -37.36 25.76
N LEU A 155 -14.12 -38.54 26.33
CA LEU A 155 -15.12 -39.59 26.26
C LEU A 155 -15.82 -39.75 27.60
N PRO A 156 -17.15 -39.75 27.60
CA PRO A 156 -17.89 -39.67 28.85
C PRO A 156 -17.90 -40.99 29.60
N SER A 157 -17.83 -40.90 30.92
CA SER A 157 -17.96 -42.03 31.82
C SER A 157 -18.61 -41.55 33.10
N THR A 158 -19.16 -42.50 33.85
CA THR A 158 -19.66 -42.19 35.19
C THR A 158 -18.56 -42.02 36.21
N GLU A 159 -17.31 -42.31 35.84
CA GLU A 159 -16.19 -42.30 36.78
C GLU A 159 -15.39 -41.01 36.76
N ASP A 160 -15.61 -40.15 35.78
CA ASP A 160 -14.83 -38.94 35.60
C ASP A 160 -15.63 -37.72 36.03
N VAL A 161 -14.97 -36.83 36.77
CA VAL A 161 -15.55 -35.57 37.23
C VAL A 161 -14.66 -34.43 36.72
N TYR A 162 -15.28 -33.31 36.33
CA TYR A 162 -14.55 -32.26 35.62
C TYR A 162 -14.78 -30.90 36.26
N ASP A 163 -13.77 -30.04 36.17
CA ASP A 163 -13.84 -28.65 36.60
C ASP A 163 -13.10 -27.76 35.62
N CYS A 164 -13.69 -26.59 35.33
CA CYS A 164 -13.03 -25.48 34.65
C CYS A 164 -12.70 -24.44 35.72
N ARG A 165 -11.40 -24.14 35.88
CA ARG A 165 -10.94 -23.11 36.81
C ARG A 165 -10.55 -21.87 36.03
N VAL A 166 -11.15 -20.74 36.37
CA VAL A 166 -10.96 -19.50 35.65
C VAL A 166 -10.41 -18.48 36.63
N GLU A 167 -9.27 -17.88 36.28
CA GLU A 167 -8.64 -16.83 37.08
C GLU A 167 -8.68 -15.54 36.30
N HIS A 168 -9.06 -14.45 36.97
CA HIS A 168 -9.11 -13.13 36.34
C HIS A 168 -8.98 -12.07 37.42
N TRP A 169 -8.43 -10.91 37.07
CA TRP A 169 -8.14 -9.90 38.10
C TRP A 169 -9.40 -9.36 38.79
N GLY A 170 -10.55 -9.35 38.11
CA GLY A 170 -11.75 -8.88 38.82
C GLY A 170 -12.37 -9.86 39.80
N LEU A 171 -11.94 -11.12 39.80
CA LEU A 171 -12.38 -12.05 40.84
C LEU A 171 -11.56 -11.88 42.13
N ASP A 172 -12.16 -12.26 43.25
CA ASP A 172 -11.43 -12.33 44.52
C ASP A 172 -10.82 -13.71 44.78
N GLU A 173 -11.37 -14.75 44.17
CA GLU A 173 -10.77 -16.08 44.19
C GLU A 173 -11.10 -16.72 42.84
N PRO A 174 -10.31 -17.71 42.41
CA PRO A 174 -10.62 -18.36 41.12
C PRO A 174 -12.05 -18.88 41.11
N LEU A 175 -12.67 -18.83 39.94
CA LEU A 175 -13.98 -19.42 39.77
C LEU A 175 -13.81 -20.87 39.38
N LEU A 176 -14.47 -21.78 40.10
CA LEU A 176 -14.42 -23.20 39.80
C LEU A 176 -15.81 -23.68 39.38
N LYS A 177 -15.92 -24.16 38.14
CA LYS A 177 -17.20 -24.61 37.61
C LYS A 177 -17.13 -26.09 37.30
N HIS A 178 -18.19 -26.81 37.67
CA HIS A 178 -18.19 -28.25 37.84
C HIS A 178 -19.02 -28.91 36.75
N TRP A 179 -18.67 -30.16 36.42
CA TRP A 179 -19.47 -30.95 35.49
C TRP A 179 -19.24 -32.44 35.75
N GLU A 180 -20.34 -33.21 35.76
CA GLU A 180 -20.26 -34.67 35.77
C GLU A 180 -21.44 -35.24 35.00
N PHE A 181 -21.28 -36.49 34.55
CA PHE A 181 -22.34 -37.18 33.83
C PHE A 181 -23.56 -37.42 34.71
N ASP A 182 -24.72 -36.98 34.23
CA ASP A 182 -25.98 -37.07 34.97
C ASP A 182 -27.18 -36.94 34.04
N GLY B 2 -0.51 -12.28 41.26
CA GLY B 2 0.54 -11.43 41.79
C GLY B 2 0.84 -10.17 40.98
N ASP B 3 0.36 -10.11 39.74
CA ASP B 3 0.50 -8.92 38.88
C ASP B 3 -0.56 -7.89 39.29
N THR B 4 -0.13 -6.78 39.88
CA THR B 4 -1.06 -5.74 40.32
C THR B 4 -1.06 -4.50 39.43
N ARG B 5 -0.36 -4.53 38.28
CA ARG B 5 -0.16 -3.31 37.53
C ARG B 5 -1.49 -2.84 36.93
N PRO B 6 -1.70 -1.55 36.82
CA PRO B 6 -2.91 -1.07 36.16
C PRO B 6 -2.90 -1.44 34.68
N ARG B 7 -4.08 -1.69 34.13
CA ARG B 7 -4.21 -2.02 32.71
C ARG B 7 -4.88 -0.87 31.97
N PHE B 8 -4.60 -0.77 30.65
CA PHE B 8 -5.16 0.27 29.78
C PHE B 8 -5.51 -0.42 28.48
N LEU B 9 -6.76 -0.21 28.03
CA LEU B 9 -7.34 -1.02 26.95
C LEU B 9 -7.89 -0.12 25.86
N TRP B 10 -7.62 -0.49 24.63
CA TRP B 10 -8.20 0.19 23.48
C TRP B 10 -8.94 -0.81 22.61
N GLN B 11 -10.19 -0.54 22.25
CA GLN B 11 -10.96 -1.42 21.40
C GLN B 11 -11.48 -0.63 20.22
N LEU B 12 -11.56 -1.27 19.06
CA LEU B 12 -12.12 -0.61 17.89
C LEU B 12 -13.10 -1.60 17.28
N LYS B 13 -14.30 -1.12 16.92
CA LYS B 13 -15.26 -1.96 16.22
C LYS B 13 -15.72 -1.25 14.96
N PHE B 14 -15.65 -1.94 13.83
CA PHE B 14 -16.31 -1.54 12.59
C PHE B 14 -17.45 -2.50 12.39
N GLU B 15 -18.68 -1.99 12.44
CA GLU B 15 -19.89 -2.78 12.39
C GLU B 15 -20.64 -2.46 11.11
N CYS B 16 -20.92 -3.48 10.32
CA CYS B 16 -21.74 -3.36 9.12
C CYS B 16 -23.06 -4.07 9.39
N HIS B 17 -24.15 -3.30 9.38
CA HIS B 17 -25.51 -3.75 9.66
C HIS B 17 -26.26 -3.88 8.32
N PHE B 18 -26.77 -5.07 8.02
CA PHE B 18 -27.38 -5.41 6.73
C PHE B 18 -28.86 -5.73 6.89
N PHE B 19 -29.67 -5.16 6.02
CA PHE B 19 -31.12 -5.31 6.06
C PHE B 19 -31.66 -5.56 4.67
N ASN B 20 -32.51 -6.58 4.57
CA ASN B 20 -32.99 -7.11 3.31
C ASN B 20 -31.83 -7.34 2.34
N GLY B 21 -30.93 -8.21 2.77
CA GLY B 21 -29.69 -8.41 2.04
C GLY B 21 -28.81 -7.19 2.17
N THR B 22 -28.33 -6.69 1.03
CA THR B 22 -27.56 -5.47 0.98
C THR B 22 -28.41 -4.26 0.59
N GLU B 23 -29.74 -4.40 0.63
CA GLU B 23 -30.60 -3.29 0.25
C GLU B 23 -30.34 -2.08 1.13
N ARG B 24 -30.25 -2.28 2.44
CA ARG B 24 -29.99 -1.15 3.33
C ARG B 24 -28.80 -1.53 4.19
N VAL B 25 -27.79 -0.66 4.22
CA VAL B 25 -26.58 -0.93 4.98
C VAL B 25 -26.27 0.24 5.89
N ARG B 26 -25.77 -0.07 7.08
CA ARG B 26 -25.36 0.97 8.02
C ARG B 26 -24.00 0.63 8.60
N LEU B 27 -23.11 1.61 8.61
CA LEU B 27 -21.74 1.43 9.05
C LEU B 27 -21.55 2.22 10.34
N LEU B 28 -21.04 1.54 11.37
CA LEU B 28 -20.77 2.18 12.64
C LEU B 28 -19.34 1.88 13.05
N GLU B 29 -18.49 2.91 13.10
CA GLU B 29 -17.12 2.77 13.60
C GLU B 29 -17.12 3.31 15.02
N ARG B 30 -16.52 2.56 15.96
CA ARG B 30 -16.57 2.89 17.39
C ARG B 30 -15.20 2.75 17.98
N CYS B 31 -14.73 3.82 18.64
CA CYS B 31 -13.48 3.87 19.39
C CYS B 31 -13.80 3.79 20.87
N ILE B 32 -13.17 2.87 21.60
CA ILE B 32 -13.59 2.50 22.96
C ILE B 32 -12.34 2.45 23.83
N TYR B 33 -12.28 3.28 24.88
CA TYR B 33 -11.13 3.34 25.77
C TYR B 33 -11.59 2.88 27.16
N ASN B 34 -10.88 1.91 27.74
CA ASN B 34 -11.25 1.33 29.05
C ASN B 34 -12.75 1.03 29.16
N GLN B 35 -13.28 0.37 28.12
CA GLN B 35 -14.66 -0.09 27.97
C GLN B 35 -15.64 1.04 27.68
N GLU B 36 -15.21 2.29 27.52
CA GLU B 36 -16.16 3.36 27.29
C GLU B 36 -15.95 3.96 25.92
N GLU B 37 -17.01 4.00 25.11
CA GLU B 37 -16.89 4.53 23.74
C GLU B 37 -16.68 6.04 23.82
N SER B 38 -15.72 6.57 23.03
CA SER B 38 -15.37 7.99 23.07
C SER B 38 -15.74 8.74 21.80
N VAL B 39 -15.62 8.10 20.64
CA VAL B 39 -16.03 8.70 19.38
CA VAL B 39 -15.95 8.70 19.34
C VAL B 39 -16.59 7.61 18.48
N ARG B 40 -17.48 8.03 17.58
CA ARG B 40 -18.01 7.08 16.61
C ARG B 40 -18.28 7.78 15.28
N PHE B 41 -18.17 7.01 14.22
CA PHE B 41 -18.72 7.39 12.92
C PHE B 41 -19.96 6.54 12.63
N ASP B 42 -21.06 7.20 12.32
CA ASP B 42 -22.29 6.51 11.95
C ASP B 42 -22.62 6.95 10.53
N SER B 43 -22.71 5.99 9.59
CA SER B 43 -23.02 6.36 8.21
C SER B 43 -24.39 7.05 8.04
N ASP B 44 -25.32 6.89 9.00
CA ASP B 44 -26.59 7.63 8.90
C ASP B 44 -26.46 9.09 9.32
N VAL B 45 -25.38 9.45 10.01
CA VAL B 45 -25.05 10.84 10.30
C VAL B 45 -24.06 11.39 9.28
N GLY B 46 -23.06 10.60 8.91
CA GLY B 46 -22.10 10.96 7.86
C GLY B 46 -20.88 11.72 8.34
N GLU B 47 -20.69 11.88 9.66
CA GLU B 47 -19.45 12.46 10.17
C GLU B 47 -19.17 11.81 11.51
N TYR B 48 -17.97 12.06 12.05
CA TYR B 48 -17.64 11.59 13.40
C TYR B 48 -18.34 12.44 14.47
N ARG B 49 -18.74 11.79 15.56
CA ARG B 49 -19.32 12.50 16.71
C ARG B 49 -18.68 11.98 17.97
N ALA B 50 -18.30 12.91 18.84
CA ALA B 50 -17.81 12.55 20.16
C ALA B 50 -18.93 11.92 20.99
N VAL B 51 -18.62 10.78 21.63
CA VAL B 51 -19.58 10.14 22.54
C VAL B 51 -19.29 10.56 23.99
N THR B 52 -18.04 10.81 24.33
CA THR B 52 -17.65 11.42 25.60
C THR B 52 -16.81 12.65 25.29
N GLU B 53 -16.48 13.41 26.33
CA GLU B 53 -15.67 14.61 26.13
C GLU B 53 -14.25 14.26 25.69
N LEU B 54 -13.71 13.12 26.15
CA LEU B 54 -12.35 12.78 25.77
C LEU B 54 -12.25 12.53 24.27
N GLY B 55 -13.37 12.23 23.61
CA GLY B 55 -13.34 12.02 22.19
C GLY B 55 -13.49 13.25 21.34
N ARG B 56 -13.86 14.39 21.92
CA ARG B 56 -14.06 15.57 21.07
C ARG B 56 -12.85 15.97 20.23
N PRO B 57 -11.60 15.93 20.73
CA PRO B 57 -10.48 16.30 19.84
C PRO B 57 -10.41 15.48 18.56
N ASP B 58 -10.80 14.21 18.63
CA ASP B 58 -10.68 13.30 17.50
C ASP B 58 -11.78 13.55 16.50
N ALA B 59 -13.02 13.70 17.00
CA ALA B 59 -14.12 14.05 16.11
C ALA B 59 -13.78 15.30 15.32
N GLU B 60 -13.28 16.34 16.03
CA GLU B 60 -12.92 17.59 15.37
C GLU B 60 -11.77 17.38 14.37
N TYR B 61 -10.78 16.56 14.73
CA TYR B 61 -9.63 16.41 13.85
C TYR B 61 -10.02 15.64 12.58
N TRP B 62 -10.76 14.55 12.75
CA TRP B 62 -11.19 13.73 11.63
C TRP B 62 -12.18 14.45 10.74
N ASN B 63 -13.16 15.14 11.35
CA ASN B 63 -14.16 15.83 10.54
C ASN B 63 -13.56 17.00 9.77
N SER B 64 -12.38 17.48 10.16
CA SER B 64 -11.81 18.59 9.41
C SER B 64 -11.15 18.13 8.11
N GLN B 65 -11.08 16.83 7.86
CA GLN B 65 -10.45 16.26 6.67
C GLN B 65 -11.54 15.79 5.70
N LYS B 66 -11.94 16.69 4.79
CA LYS B 66 -13.08 16.46 3.90
C LYS B 66 -12.96 15.14 3.12
N ASP B 67 -11.79 14.92 2.50
CA ASP B 67 -11.67 13.74 1.65
C ASP B 67 -11.74 12.46 2.48
N LEU B 68 -11.35 12.56 3.75
CA LEU B 68 -11.40 11.41 4.64
C LEU B 68 -12.85 11.02 4.93
N LEU B 69 -13.69 12.02 5.28
CA LEU B 69 -15.09 11.72 5.51
C LEU B 69 -15.75 11.18 4.25
N GLU B 70 -15.40 11.71 3.09
CA GLU B 70 -16.02 11.21 1.88
C GLU B 70 -15.66 9.74 1.62
N GLN B 71 -14.40 9.32 1.93
CA GLN B 71 -14.10 7.88 1.83
C GLN B 71 -14.85 7.06 2.90
N ARG B 72 -14.90 7.53 4.14
CA ARG B 72 -15.65 6.78 5.14
C ARG B 72 -17.09 6.56 4.70
N ARG B 73 -17.72 7.57 4.10
CA ARG B 73 -19.09 7.40 3.61
C ARG B 73 -19.18 6.43 2.44
N ALA B 74 -18.16 6.40 1.57
CA ALA B 74 -18.20 5.40 0.49
C ALA B 74 -18.00 3.98 1.02
N ALA B 75 -17.48 3.84 2.23
CA ALA B 75 -17.17 2.49 2.69
C ALA B 75 -18.41 1.62 2.93
N VAL B 76 -19.61 2.19 2.98
CA VAL B 76 -20.78 1.30 3.01
C VAL B 76 -20.81 0.43 1.77
N ASP B 77 -20.30 0.93 0.64
CA ASP B 77 -20.16 0.12 -0.56
C ASP B 77 -18.82 -0.60 -0.64
N THR B 78 -17.71 0.11 -0.45
CA THR B 78 -16.44 -0.52 -0.76
C THR B 78 -15.89 -1.41 0.35
N TYR B 79 -16.50 -1.38 1.52
CA TYR B 79 -16.16 -2.27 2.63
C TYR B 79 -17.33 -3.20 2.97
N CYS B 80 -18.47 -2.64 3.39
CA CYS B 80 -19.58 -3.44 3.91
C CYS B 80 -20.19 -4.33 2.83
N ARG B 81 -20.70 -3.73 1.76
CA ARG B 81 -21.33 -4.54 0.72
C ARG B 81 -20.32 -5.49 0.10
N HIS B 82 -19.06 -5.07 -0.02
CA HIS B 82 -18.02 -5.92 -0.58
C HIS B 82 -17.80 -7.16 0.26
N ASN B 83 -17.54 -6.97 1.57
CA ASN B 83 -17.30 -8.13 2.43
C ASN B 83 -18.54 -9.03 2.53
N TYR B 84 -19.74 -8.43 2.56
CA TYR B 84 -20.95 -9.22 2.55
C TYR B 84 -20.94 -10.18 1.36
N GLY B 85 -20.63 -9.63 0.19
CA GLY B 85 -20.57 -10.46 -1.01
C GLY B 85 -19.55 -11.56 -0.87
N VAL B 86 -18.40 -11.24 -0.27
CA VAL B 86 -17.32 -12.20 -0.16
C VAL B 86 -17.77 -13.40 0.65
N GLY B 87 -18.42 -13.15 1.79
CA GLY B 87 -18.79 -14.27 2.64
C GLY B 87 -20.13 -14.93 2.40
N GLU B 88 -20.98 -14.38 1.52
CA GLU B 88 -22.38 -14.83 1.49
C GLU B 88 -22.51 -16.34 1.34
N SER B 89 -21.66 -16.96 0.51
CA SER B 89 -21.76 -18.40 0.25
C SER B 89 -21.74 -19.24 1.54
N PHE B 90 -20.91 -18.87 2.51
CA PHE B 90 -20.69 -19.75 3.64
C PHE B 90 -21.09 -19.13 4.96
N THR B 91 -21.82 -18.00 4.94
CA THR B 91 -22.35 -17.41 6.17
C THR B 91 -23.85 -17.20 6.03
N VAL B 92 -24.28 -16.23 5.25
CA VAL B 92 -25.71 -16.09 4.94
C VAL B 92 -26.28 -17.42 4.49
N GLN B 93 -25.58 -18.12 3.60
CA GLN B 93 -26.12 -19.34 3.00
C GLN B 93 -25.72 -20.62 3.71
N ARG B 94 -24.99 -20.54 4.82
CA ARG B 94 -24.67 -21.73 5.60
C ARG B 94 -25.95 -22.40 6.03
N ARG B 95 -26.10 -23.67 5.67
CA ARG B 95 -27.24 -24.50 6.06
C ARG B 95 -26.67 -25.80 6.59
N VAL B 96 -27.01 -26.17 7.81
CA VAL B 96 -26.46 -27.38 8.41
C VAL B 96 -27.61 -28.10 9.11
N GLU B 97 -27.83 -29.36 8.73
CA GLU B 97 -29.02 -30.08 9.21
C GLU B 97 -28.89 -30.41 10.69
N PRO B 98 -29.97 -30.29 11.46
CA PRO B 98 -29.94 -30.73 12.86
C PRO B 98 -29.95 -32.26 13.00
N LYS B 99 -29.18 -32.75 13.96
CA LYS B 99 -29.38 -34.10 14.49
C LYS B 99 -30.49 -34.04 15.54
N VAL B 100 -31.47 -34.91 15.41
CA VAL B 100 -32.66 -34.84 16.26
C VAL B 100 -32.91 -36.22 16.82
N THR B 101 -32.98 -36.34 18.14
CA THR B 101 -33.39 -37.59 18.76
C THR B 101 -34.49 -37.30 19.79
N VAL B 102 -35.27 -38.34 20.12
CA VAL B 102 -36.29 -38.25 21.17
C VAL B 102 -36.28 -39.52 22.01
N TYR B 103 -36.52 -39.33 23.29
CA TYR B 103 -36.35 -40.42 24.25
C TYR B 103 -37.07 -40.07 25.54
N PRO B 104 -37.61 -41.05 26.26
CA PRO B 104 -38.26 -40.73 27.53
C PRO B 104 -37.23 -40.43 28.60
N SER B 105 -37.50 -39.38 29.39
CA SER B 105 -36.59 -39.02 30.47
C SER B 105 -36.69 -40.01 31.63
N LYS B 106 -37.86 -40.61 31.83
CA LYS B 106 -38.07 -41.64 32.84
C LYS B 106 -38.51 -42.91 32.16
N THR B 107 -37.81 -44.01 32.45
CA THR B 107 -38.33 -45.33 32.13
C THR B 107 -39.41 -45.69 33.16
N GLN B 108 -40.58 -46.06 32.68
CA GLN B 108 -41.74 -46.22 33.56
C GLN B 108 -42.85 -46.93 32.80
N PRO B 109 -43.82 -47.52 33.52
CA PRO B 109 -44.93 -48.22 32.86
C PRO B 109 -45.86 -47.25 32.12
N LEU B 110 -46.77 -47.84 31.35
CA LEU B 110 -47.81 -47.03 30.72
C LEU B 110 -48.73 -46.44 31.80
N GLN B 111 -49.37 -45.31 31.45
CA GLN B 111 -50.36 -44.56 32.27
C GLN B 111 -49.73 -43.68 33.34
N HIS B 112 -48.40 -43.53 33.40
CA HIS B 112 -47.72 -42.70 34.38
C HIS B 112 -47.20 -41.42 33.71
N HIS B 113 -46.74 -40.48 34.54
CA HIS B 113 -46.38 -39.13 34.12
C HIS B 113 -44.91 -39.07 33.72
N ASN B 114 -44.64 -38.79 32.45
CA ASN B 114 -43.30 -38.79 31.87
C ASN B 114 -42.95 -37.46 31.23
N LEU B 115 -41.62 -37.24 31.14
CA LEU B 115 -41.02 -36.15 30.37
C LEU B 115 -40.31 -36.75 29.14
N LEU B 116 -40.89 -36.54 27.97
CA LEU B 116 -40.27 -36.98 26.73
C LEU B 116 -39.38 -35.85 26.23
N VAL B 117 -38.20 -36.20 25.74
CA VAL B 117 -37.17 -35.23 25.39
C VAL B 117 -36.89 -35.31 23.90
N CYS B 118 -36.82 -34.14 23.27
CA CYS B 118 -36.41 -33.98 21.88
C CYS B 118 -35.18 -33.10 21.85
N SER B 119 -34.00 -33.71 21.72
CA SER B 119 -32.78 -32.95 21.54
C SER B 119 -32.57 -32.70 20.06
N VAL B 120 -32.30 -31.43 19.72
CA VAL B 120 -32.05 -31.00 18.37
C VAL B 120 -30.75 -30.19 18.41
N SER B 121 -29.69 -30.72 17.81
CA SER B 121 -28.37 -30.13 17.96
C SER B 121 -27.64 -30.08 16.62
N GLY B 122 -26.59 -29.28 16.58
CA GLY B 122 -25.70 -29.25 15.43
C GLY B 122 -26.16 -28.42 14.26
N PHE B 123 -27.24 -27.63 14.41
CA PHE B 123 -27.82 -26.92 13.27
C PHE B 123 -27.33 -25.48 13.10
N TYR B 124 -27.50 -24.98 11.86
CA TYR B 124 -27.22 -23.60 11.49
C TYR B 124 -28.06 -23.30 10.26
N PRO B 125 -28.74 -22.13 10.20
CA PRO B 125 -28.72 -21.04 11.18
C PRO B 125 -29.60 -21.29 12.39
N GLY B 126 -29.81 -20.26 13.21
CA GLY B 126 -30.50 -20.42 14.47
C GLY B 126 -31.99 -20.61 14.32
N SER B 127 -32.60 -19.99 13.32
CA SER B 127 -34.06 -20.02 13.13
C SER B 127 -34.56 -21.45 13.03
N ILE B 128 -35.46 -21.83 13.93
CA ILE B 128 -35.89 -23.21 13.92
C ILE B 128 -37.20 -23.28 14.70
N GLU B 129 -38.10 -24.16 14.26
CA GLU B 129 -39.38 -24.35 14.92
C GLU B 129 -39.54 -25.81 15.28
N VAL B 130 -39.76 -26.08 16.56
CA VAL B 130 -39.86 -27.44 17.04
C VAL B 130 -41.21 -27.62 17.76
N ARG B 131 -42.00 -28.59 17.29
CA ARG B 131 -43.36 -28.83 17.73
C ARG B 131 -43.54 -30.30 18.15
N TRP B 132 -44.41 -30.52 19.13
CA TRP B 132 -44.65 -31.85 19.68
C TRP B 132 -46.04 -32.31 19.26
N PHE B 133 -46.15 -33.58 18.81
CA PHE B 133 -47.40 -34.15 18.33
C PHE B 133 -47.74 -35.44 19.09
N ARG B 134 -49.00 -35.59 19.50
CA ARG B 134 -49.51 -36.80 20.13
C ARG B 134 -50.54 -37.45 19.22
N ASN B 135 -50.19 -38.62 18.65
CA ASN B 135 -51.08 -39.35 17.74
C ASN B 135 -51.52 -38.49 16.56
N GLY B 136 -50.61 -37.68 16.03
CA GLY B 136 -50.90 -36.82 14.90
C GLY B 136 -51.51 -35.48 15.25
N GLN B 137 -51.59 -35.11 16.52
CA GLN B 137 -52.25 -33.87 16.94
C GLN B 137 -51.23 -33.01 17.69
N GLU B 138 -51.18 -31.72 17.38
CA GLU B 138 -50.22 -30.86 18.06
C GLU B 138 -50.59 -30.65 19.52
N GLU B 139 -49.56 -30.34 20.31
CA GLU B 139 -49.72 -30.11 21.75
C GLU B 139 -48.83 -28.94 22.14
N LYS B 140 -49.44 -27.79 22.42
CA LYS B 140 -48.69 -26.63 22.87
C LYS B 140 -48.72 -26.48 24.40
N ALA B 141 -49.39 -27.37 25.10
CA ALA B 141 -49.39 -27.37 26.56
C ALA B 141 -48.34 -28.34 27.07
N GLY B 142 -47.65 -27.94 28.14
CA GLY B 142 -46.65 -28.79 28.74
C GLY B 142 -45.34 -28.90 27.99
N VAL B 143 -45.19 -28.18 26.88
CA VAL B 143 -43.91 -28.12 26.15
C VAL B 143 -43.05 -27.05 26.80
N VAL B 144 -41.84 -27.43 27.22
CA VAL B 144 -40.90 -26.49 27.82
C VAL B 144 -39.53 -26.69 27.17
N SER B 145 -38.86 -25.59 26.85
CA SER B 145 -37.61 -25.71 26.10
C SER B 145 -36.49 -24.93 26.76
N THR B 146 -35.28 -25.48 26.65
CA THR B 146 -34.08 -24.82 27.18
C THR B 146 -33.69 -23.58 26.38
N GLY B 147 -34.47 -23.21 25.37
CA GLY B 147 -34.12 -22.09 24.52
C GLY B 147 -32.95 -22.40 23.61
N LEU B 148 -32.68 -21.45 22.72
CA LEU B 148 -31.63 -21.61 21.74
C LEU B 148 -30.27 -21.22 22.30
N ILE B 149 -29.30 -22.13 22.21
CA ILE B 149 -27.95 -21.89 22.72
C ILE B 149 -26.95 -21.90 21.55
N GLN B 150 -25.95 -21.02 21.62
CA GLN B 150 -24.90 -20.89 20.61
C GLN B 150 -23.64 -21.60 21.10
N ASN B 151 -23.16 -22.59 20.33
CA ASN B 151 -21.97 -23.35 20.72
C ASN B 151 -20.66 -22.65 20.38
N GLY B 152 -20.70 -21.50 19.71
CA GLY B 152 -19.48 -20.80 19.33
C GLY B 152 -18.66 -21.46 18.24
N ASP B 153 -19.20 -22.48 17.57
CA ASP B 153 -18.51 -23.21 16.51
C ASP B 153 -19.35 -23.21 15.23
N TRP B 154 -20.24 -22.21 15.10
CA TRP B 154 -21.19 -22.12 14.02
C TRP B 154 -22.25 -23.23 14.06
N THR B 155 -22.62 -23.69 15.25
CA THR B 155 -23.77 -24.58 15.40
C THR B 155 -24.59 -24.10 16.59
N PHE B 156 -25.79 -24.65 16.69
CA PHE B 156 -26.72 -24.33 17.76
C PHE B 156 -27.22 -25.65 18.29
N GLN B 157 -27.76 -25.60 19.49
CA GLN B 157 -28.49 -26.75 20.01
C GLN B 157 -29.63 -26.23 20.85
N THR B 158 -30.62 -27.10 21.06
CA THR B 158 -31.70 -26.84 21.99
C THR B 158 -32.41 -28.14 22.33
N LEU B 159 -32.93 -28.17 23.54
CA LEU B 159 -33.70 -29.28 24.06
C LEU B 159 -35.16 -28.83 24.15
N VAL B 160 -36.08 -29.67 23.72
CA VAL B 160 -37.50 -29.38 23.88
C VAL B 160 -38.16 -30.57 24.56
N MET B 161 -38.72 -30.36 25.74
CA MET B 161 -39.32 -31.36 26.58
C MET B 161 -40.84 -31.27 26.48
N LEU B 162 -41.50 -32.41 26.71
CA LEU B 162 -42.96 -32.52 26.71
C LEU B 162 -43.39 -33.37 27.89
N GLU B 163 -44.28 -32.82 28.73
CA GLU B 163 -44.81 -33.58 29.86
C GLU B 163 -46.11 -34.25 29.42
N THR B 164 -46.16 -35.58 29.51
CA THR B 164 -47.35 -36.30 29.09
C THR B 164 -47.53 -37.55 29.93
N VAL B 165 -48.70 -38.15 29.80
CA VAL B 165 -48.94 -39.47 30.36
C VAL B 165 -49.05 -40.45 29.19
N PRO B 166 -48.02 -41.24 28.93
CA PRO B 166 -48.10 -42.22 27.83
C PRO B 166 -49.18 -43.25 28.09
N ARG B 167 -49.98 -43.52 27.05
CA ARG B 167 -51.09 -44.45 27.08
C ARG B 167 -50.89 -45.46 25.96
N SER B 168 -51.71 -46.51 26.02
CA SER B 168 -51.41 -47.79 25.37
C SER B 168 -51.02 -47.65 23.90
N GLY B 169 -51.86 -47.03 23.08
CA GLY B 169 -51.42 -47.03 21.69
C GLY B 169 -50.69 -45.81 21.20
N GLU B 170 -50.32 -44.90 22.08
CA GLU B 170 -49.88 -43.57 21.66
C GLU B 170 -48.54 -43.62 20.94
N VAL B 171 -48.48 -42.99 19.77
CA VAL B 171 -47.21 -42.70 19.08
C VAL B 171 -46.98 -41.20 19.19
N TYR B 172 -45.81 -40.81 19.70
CA TYR B 172 -45.47 -39.40 19.87
C TYR B 172 -44.44 -39.01 18.82
N THR B 173 -44.57 -37.80 18.26
CA THR B 173 -43.67 -37.35 17.20
C THR B 173 -43.12 -35.97 17.53
N CYS B 174 -41.79 -35.85 17.45
CA CYS B 174 -41.13 -34.54 17.47
C CYS B 174 -40.94 -34.09 16.03
N GLN B 175 -41.52 -32.93 15.68
CA GLN B 175 -41.43 -32.33 14.37
C GLN B 175 -40.58 -31.07 14.43
N VAL B 176 -39.66 -30.92 13.50
CA VAL B 176 -38.76 -29.79 13.50
C VAL B 176 -38.62 -29.24 12.08
N GLU B 177 -38.85 -27.93 11.94
CA GLU B 177 -38.71 -27.18 10.70
C GLU B 177 -37.48 -26.29 10.78
N HIS B 178 -36.69 -26.31 9.71
CA HIS B 178 -35.41 -25.61 9.65
C HIS B 178 -35.13 -25.28 8.20
N PRO B 179 -34.47 -24.15 7.93
CA PRO B 179 -34.10 -23.82 6.55
C PRO B 179 -33.33 -24.92 5.84
N SER B 180 -32.57 -25.76 6.56
CA SER B 180 -31.73 -26.75 5.90
C SER B 180 -32.52 -27.88 5.28
N VAL B 181 -33.83 -27.94 5.47
CA VAL B 181 -34.56 -29.13 5.14
C VAL B 181 -35.80 -28.77 4.32
N THR B 182 -36.04 -29.57 3.28
CA THR B 182 -37.18 -29.37 2.37
C THR B 182 -38.49 -29.34 3.14
N SER B 183 -38.80 -30.45 3.78
CA SER B 183 -40.01 -30.66 4.56
C SER B 183 -39.63 -31.02 5.99
N PRO B 184 -40.52 -30.79 6.95
CA PRO B 184 -40.17 -31.02 8.37
C PRO B 184 -39.53 -32.39 8.62
N LEU B 185 -38.61 -32.42 9.57
CA LEU B 185 -38.06 -33.67 10.06
C LEU B 185 -38.96 -34.16 11.18
N THR B 186 -39.08 -35.49 11.29
CA THR B 186 -39.95 -36.10 12.30
C THR B 186 -39.27 -37.33 12.90
N VAL B 187 -39.39 -37.47 14.21
CA VAL B 187 -38.87 -38.66 14.88
C VAL B 187 -39.88 -39.10 15.92
N GLU B 188 -40.07 -40.42 16.03
CA GLU B 188 -41.17 -40.98 16.79
C GLU B 188 -40.69 -41.72 18.03
N TRP B 189 -41.60 -41.83 18.98
CA TRP B 189 -41.41 -42.67 20.16
C TRP B 189 -42.73 -43.40 20.36
N ARG B 190 -42.67 -44.72 20.46
CA ARG B 190 -43.88 -45.51 20.63
C ARG B 190 -44.04 -45.93 22.08
N ALA B 191 -45.24 -45.77 22.60
CA ALA B 191 -45.60 -46.20 23.95
C ALA B 191 -45.75 -47.72 24.01
N PRO C 1 -12.05 -14.35 -3.80
CA PRO C 1 -12.80 -13.27 -3.16
C PRO C 1 -12.09 -12.81 -1.84
N LYS C 2 -11.90 -11.50 -1.67
CA LYS C 2 -10.92 -11.01 -0.71
C LYS C 2 -11.63 -10.11 0.30
N TYR C 3 -11.62 -10.50 1.56
CA TYR C 3 -12.10 -9.57 2.60
C TYR C 3 -11.20 -8.35 2.62
N VAL C 4 -11.75 -7.18 2.92
CA VAL C 4 -10.94 -5.98 3.09
C VAL C 4 -11.17 -5.43 4.50
N LYS C 5 -10.11 -4.94 5.12
CA LYS C 5 -10.32 -4.27 6.41
C LYS C 5 -10.62 -2.80 6.16
N GLN C 6 -11.18 -2.14 7.15
CA GLN C 6 -11.16 -0.69 7.20
C GLN C 6 -10.01 -0.24 8.12
N ASN C 7 -9.33 0.83 7.75
CA ASN C 7 -8.15 1.23 8.49
C ASN C 7 -8.50 1.94 9.78
N THR C 8 -7.76 1.63 10.85
CA THR C 8 -7.94 2.41 12.08
C THR C 8 -7.23 3.73 11.86
N LEU C 9 -7.82 4.84 12.33
CA LEU C 9 -7.26 6.18 12.13
C LEU C 9 -6.49 6.61 13.36
N LYS C 10 -5.49 7.49 13.17
CA LYS C 10 -4.71 7.92 14.34
C LYS C 10 -5.45 9.05 15.09
N LEU C 11 -5.49 8.95 16.42
CA LEU C 11 -6.15 9.99 17.21
C LEU C 11 -5.41 11.33 17.09
N ALA C 12 -6.13 12.41 17.44
CA ALA C 12 -5.54 13.74 17.52
C ALA C 12 -4.41 13.76 18.54
N ARG C 13 -3.28 14.35 18.14
CA ARG C 13 -2.10 14.46 19.00
C ARG C 13 -1.81 15.92 19.30
N ALA D 2 -1.79 -4.46 -4.29
CA ALA D 2 -2.89 -4.70 -5.25
C ALA D 2 -2.78 -5.92 -6.22
N GLN D 3 -3.25 -5.76 -7.47
CA GLN D 3 -3.00 -6.72 -8.56
C GLN D 3 -2.27 -6.07 -9.75
N SER D 4 -2.93 -5.32 -10.63
CA SER D 4 -2.12 -4.80 -11.71
C SER D 4 -2.68 -3.47 -12.23
N VAL D 5 -1.79 -2.69 -12.81
CA VAL D 5 -2.07 -1.52 -13.64
C VAL D 5 -1.25 -1.63 -14.88
N THR D 6 -1.84 -1.17 -15.96
CA THR D 6 -1.21 -1.18 -17.26
C THR D 6 -1.32 0.22 -17.81
N GLN D 7 -0.17 0.81 -18.13
CA GLN D 7 -0.08 2.04 -18.89
C GLN D 7 0.39 1.71 -20.29
N LEU D 8 -0.16 2.44 -21.24
CA LEU D 8 0.11 2.26 -22.66
C LEU D 8 1.13 3.30 -23.11
N GLY D 9 2.24 2.82 -23.66
CA GLY D 9 3.21 3.67 -24.33
C GLY D 9 4.26 4.21 -23.38
N SER D 10 5.52 3.83 -23.56
CA SER D 10 6.56 4.35 -22.65
C SER D 10 6.91 5.82 -22.91
N HIS D 11 6.78 6.28 -24.16
CA HIS D 11 7.06 7.67 -24.53
C HIS D 11 5.91 8.11 -25.42
N VAL D 12 5.25 9.21 -25.06
CA VAL D 12 4.18 9.67 -25.94
C VAL D 12 4.34 11.17 -26.14
N SER D 13 3.81 11.67 -27.26
CA SER D 13 3.86 13.09 -27.58
C SER D 13 2.50 13.73 -27.55
N VAL D 14 2.52 15.04 -27.35
CA VAL D 14 1.32 15.87 -27.50
C VAL D 14 1.79 17.23 -28.02
N SER D 15 0.98 17.87 -28.89
CA SER D 15 1.31 19.23 -29.28
C SER D 15 1.06 20.21 -28.16
N GLU D 16 1.96 21.19 -28.02
CA GLU D 16 1.76 22.30 -27.14
C GLU D 16 0.38 22.91 -27.36
N GLY D 17 -0.37 23.09 -26.28
CA GLY D 17 -1.71 23.64 -26.32
C GLY D 17 -2.84 22.64 -26.47
N ALA D 18 -2.55 21.41 -26.81
CA ALA D 18 -3.58 20.41 -27.14
C ALA D 18 -3.93 19.59 -25.91
N LEU D 19 -5.08 18.93 -25.98
CA LEU D 19 -5.50 18.03 -24.90
C LEU D 19 -4.47 16.96 -24.52
N VAL D 20 -4.29 16.75 -23.20
CA VAL D 20 -3.45 15.67 -22.69
C VAL D 20 -4.36 14.53 -22.28
N LEU D 21 -4.00 13.31 -22.67
CA LEU D 21 -4.69 12.09 -22.25
C LEU D 21 -3.71 10.96 -22.05
N LEU D 22 -3.52 10.46 -20.81
CA LEU D 22 -2.60 9.37 -20.51
C LEU D 22 -3.44 8.21 -20.02
N ARG D 23 -3.24 7.04 -20.59
N ARG D 23 -3.24 7.04 -20.59
CA ARG D 23 -4.16 5.94 -20.37
CA ARG D 23 -4.14 5.92 -20.39
C ARG D 23 -3.64 4.99 -19.29
C ARG D 23 -3.65 4.98 -19.30
N CYS D 24 -4.57 4.53 -18.45
CA CYS D 24 -4.31 3.55 -17.42
C CYS D 24 -5.51 2.62 -17.31
N ASN D 25 -5.24 1.33 -17.34
CA ASN D 25 -6.28 0.35 -17.04
C ASN D 25 -5.79 -0.46 -15.86
N TYR D 26 -6.71 -0.98 -15.07
CA TYR D 26 -6.33 -1.69 -13.86
C TYR D 26 -7.02 -3.03 -13.81
N SER D 27 -6.51 -3.88 -12.93
CA SER D 27 -7.09 -5.18 -12.60
C SER D 27 -7.10 -5.30 -11.08
N SER D 28 -8.28 -5.55 -10.52
CA SER D 28 -8.43 -5.69 -9.07
C SER D 28 -9.70 -6.45 -8.75
N SER D 29 -9.57 -7.39 -7.81
CA SER D 29 -10.69 -8.12 -7.21
C SER D 29 -11.53 -7.28 -6.27
N VAL D 30 -11.00 -6.20 -5.71
CA VAL D 30 -11.75 -5.40 -4.74
C VAL D 30 -11.86 -3.99 -5.30
N PRO D 31 -12.80 -3.18 -4.80
CA PRO D 31 -12.87 -1.78 -5.22
C PRO D 31 -11.58 -1.08 -4.85
N PRO D 32 -10.85 -0.51 -5.81
CA PRO D 32 -9.48 -0.10 -5.55
C PRO D 32 -9.33 1.36 -5.14
N TYR D 33 -8.18 1.64 -4.49
CA TYR D 33 -7.62 2.98 -4.50
C TYR D 33 -6.86 3.08 -5.81
N LEU D 34 -7.01 4.19 -6.51
CA LEU D 34 -6.20 4.43 -7.72
C LEU D 34 -5.52 5.76 -7.58
N PHE D 35 -4.33 5.89 -8.20
CA PHE D 35 -3.51 7.08 -8.06
C PHE D 35 -2.90 7.44 -9.40
N TRP D 36 -2.56 8.74 -9.55
CA TRP D 36 -1.63 9.19 -10.55
C TRP D 36 -0.59 10.08 -9.89
N TYR D 37 0.64 9.75 -10.18
CA TYR D 37 1.83 10.45 -9.71
C TYR D 37 2.57 11.06 -10.88
N VAL D 38 3.28 12.15 -10.61
CA VAL D 38 4.13 12.76 -11.64
C VAL D 38 5.53 12.90 -11.10
N GLN D 39 6.53 12.71 -11.94
CA GLN D 39 7.93 12.90 -11.59
C GLN D 39 8.55 13.89 -12.59
N TYR D 40 8.64 15.16 -12.15
CA TYR D 40 9.21 16.26 -12.95
C TYR D 40 10.72 16.14 -12.96
N PRO D 41 11.39 16.65 -14.00
CA PRO D 41 12.80 16.32 -14.21
C PRO D 41 13.64 16.71 -13.00
N ASN D 42 14.52 15.79 -12.56
CA ASN D 42 15.41 16.03 -11.43
C ASN D 42 14.63 16.32 -10.15
N GLN D 43 13.54 15.57 -9.93
CA GLN D 43 12.73 15.69 -8.70
C GLN D 43 12.24 14.29 -8.31
N GLY D 44 11.42 14.23 -7.26
CA GLY D 44 10.85 12.99 -6.76
C GLY D 44 9.42 12.83 -7.28
N LEU D 45 8.62 12.05 -6.56
CA LEU D 45 7.27 11.70 -6.94
C LEU D 45 6.26 12.61 -6.24
N GLN D 46 5.32 13.16 -7.02
CA GLN D 46 4.28 14.05 -6.52
C GLN D 46 2.92 13.45 -6.87
N LEU D 47 2.06 13.33 -5.87
CA LEU D 47 0.68 12.89 -6.14
C LEU D 47 -0.09 13.92 -6.96
N LEU D 48 -0.75 13.49 -8.04
CA LEU D 48 -1.64 14.36 -8.80
C LEU D 48 -3.07 14.16 -8.39
N LEU D 49 -3.45 12.89 -8.29
CA LEU D 49 -4.83 12.68 -7.87
C LEU D 49 -5.04 11.25 -7.43
N LYS D 50 -6.15 11.05 -6.70
CA LYS D 50 -6.38 9.84 -5.92
C LYS D 50 -7.85 9.52 -5.99
N TYR D 51 -8.18 8.33 -6.47
CA TYR D 51 -9.53 7.78 -6.43
C TYR D 51 -9.77 6.96 -5.16
N THR D 52 -10.87 7.28 -4.43
CA THR D 52 -11.18 6.68 -3.12
C THR D 52 -12.59 6.07 -3.11
N SER D 53 -13.23 5.96 -4.26
CA SER D 53 -14.61 5.61 -4.49
C SER D 53 -15.57 6.69 -4.02
N ALA D 54 -15.07 7.82 -3.50
CA ALA D 54 -15.98 8.90 -3.18
C ALA D 54 -16.66 9.45 -4.42
N ALA D 55 -15.99 9.42 -5.57
CA ALA D 55 -16.61 10.02 -6.75
C ALA D 55 -15.87 9.52 -7.97
N THR D 56 -16.59 9.42 -9.11
CA THR D 56 -15.93 8.87 -10.29
C THR D 56 -15.05 9.90 -11.00
N LEU D 57 -15.39 11.19 -10.88
CA LEU D 57 -14.60 12.26 -11.47
C LEU D 57 -13.70 12.81 -10.37
N VAL D 58 -12.40 12.59 -10.50
CA VAL D 58 -11.40 12.99 -9.53
C VAL D 58 -10.66 14.20 -10.09
N LYS D 59 -10.55 15.24 -9.29
CA LYS D 59 -9.88 16.47 -9.71
C LYS D 59 -8.57 16.64 -8.98
N GLY D 60 -7.57 17.12 -9.69
CA GLY D 60 -6.27 17.30 -9.09
C GLY D 60 -5.75 18.70 -9.29
N ILE D 61 -4.48 18.86 -8.98
CA ILE D 61 -3.79 20.14 -9.14
C ILE D 61 -3.59 20.39 -10.63
N ASN D 62 -3.74 21.67 -11.06
CA ASN D 62 -3.39 22.19 -12.42
C ASN D 62 -4.34 21.84 -13.55
N GLY D 63 -5.58 21.57 -13.28
CA GLY D 63 -6.41 21.13 -14.34
C GLY D 63 -6.38 19.64 -14.55
N PHE D 64 -5.50 18.89 -13.85
CA PHE D 64 -5.55 17.45 -14.05
C PHE D 64 -6.86 16.90 -13.53
N GLU D 65 -7.35 15.88 -14.23
CA GLU D 65 -8.54 15.18 -13.78
C GLU D 65 -8.44 13.74 -14.23
N ALA D 66 -9.23 12.88 -13.62
CA ALA D 66 -9.28 11.51 -14.13
C ALA D 66 -10.66 10.95 -13.81
N GLU D 67 -11.21 10.20 -14.74
CA GLU D 67 -12.52 9.59 -14.54
C GLU D 67 -12.37 8.10 -14.29
N PHE D 68 -12.90 7.62 -13.14
CA PHE D 68 -12.94 6.19 -12.88
C PHE D 68 -14.07 5.56 -13.69
N LYS D 69 -13.74 4.64 -14.59
CA LYS D 69 -14.77 3.94 -15.39
C LYS D 69 -14.67 2.44 -15.12
N LYS D 70 -15.56 1.95 -14.26
CA LYS D 70 -15.51 0.55 -13.82
C LYS D 70 -15.78 -0.40 -14.97
N SER D 71 -16.69 -0.01 -15.88
CA SER D 71 -17.09 -0.90 -16.95
C SER D 71 -15.97 -1.16 -17.93
N GLU D 72 -14.99 -0.27 -18.02
CA GLU D 72 -13.84 -0.60 -18.83
C GLU D 72 -12.59 -0.70 -17.98
N THR D 73 -12.76 -0.74 -16.67
CA THR D 73 -11.65 -0.73 -15.69
C THR D 73 -10.54 0.24 -16.10
N SER D 74 -10.93 1.50 -16.31
CA SER D 74 -9.97 2.51 -16.75
C SER D 74 -9.94 3.70 -15.79
N PHE D 75 -8.85 4.46 -15.84
CA PHE D 75 -8.66 5.62 -14.97
C PHE D 75 -7.71 6.55 -15.70
N HIS D 76 -8.16 7.08 -16.84
CA HIS D 76 -7.26 7.83 -17.69
C HIS D 76 -7.09 9.26 -17.20
N LEU D 77 -5.84 9.75 -17.19
CA LEU D 77 -5.54 11.12 -16.77
C LEU D 77 -5.70 12.10 -17.92
N THR D 78 -6.32 13.28 -17.67
CA THR D 78 -6.43 14.28 -18.71
CA THR D 78 -6.52 14.28 -18.69
C THR D 78 -6.10 15.65 -18.16
N LYS D 79 -5.70 16.50 -19.07
CA LYS D 79 -5.46 17.92 -18.74
C LYS D 79 -5.88 18.69 -19.98
N PRO D 80 -6.55 19.85 -19.86
CA PRO D 80 -7.13 20.48 -21.06
C PRO D 80 -6.12 20.94 -22.09
N SER D 81 -4.93 21.35 -21.70
CA SER D 81 -4.02 22.04 -22.62
C SER D 81 -2.58 21.73 -22.22
N ALA D 82 -1.75 21.20 -23.13
CA ALA D 82 -0.39 20.79 -22.74
C ALA D 82 0.53 22.01 -22.69
N HIS D 83 1.26 22.17 -21.59
CA HIS D 83 2.26 23.22 -21.50
C HIS D 83 3.65 22.58 -21.54
N MET D 84 4.67 23.36 -21.89
CA MET D 84 6.02 22.76 -21.91
C MET D 84 6.38 22.21 -20.54
N SER D 85 5.91 22.86 -19.47
CA SER D 85 6.20 22.41 -18.13
C SER D 85 5.50 21.11 -17.76
N ASP D 86 4.57 20.58 -18.57
CA ASP D 86 4.02 19.26 -18.33
C ASP D 86 4.94 18.13 -18.77
N ALA D 87 6.11 18.43 -19.30
CA ALA D 87 7.03 17.37 -19.72
C ALA D 87 7.57 16.67 -18.47
N ALA D 88 7.32 15.35 -18.35
CA ALA D 88 7.55 14.65 -17.08
C ALA D 88 7.20 13.20 -17.31
N GLU D 89 7.49 12.37 -16.30
CA GLU D 89 7.02 11.00 -16.37
C GLU D 89 5.83 10.80 -15.44
N TYR D 90 4.81 10.06 -15.89
CA TYR D 90 3.54 9.94 -15.16
C TYR D 90 3.29 8.48 -14.87
N PHE D 91 2.91 8.16 -13.63
CA PHE D 91 2.73 6.79 -13.18
C PHE D 91 1.31 6.61 -12.67
N CYS D 92 0.62 5.62 -13.18
N CYS D 92 0.58 5.65 -13.19
CA CYS D 92 -0.62 5.22 -12.55
CA CYS D 92 -0.65 5.32 -12.48
C CYS D 92 -0.32 4.16 -11.50
C CYS D 92 -0.37 4.16 -11.54
N ALA D 93 -1.20 4.06 -10.50
CA ALA D 93 -0.96 3.10 -9.45
C ALA D 93 -2.26 2.64 -8.84
N VAL D 94 -2.21 1.47 -8.22
CA VAL D 94 -3.38 0.84 -7.64
C VAL D 94 -3.04 0.25 -6.27
N SER D 95 -4.02 0.26 -5.38
CA SER D 95 -3.97 -0.61 -4.20
C SER D 95 -5.28 -1.35 -4.08
N GLU D 96 -5.19 -2.66 -3.92
CA GLU D 96 -6.36 -3.50 -3.61
C GLU D 96 -6.72 -3.40 -2.13
N GLN D 97 -6.98 -2.17 -1.69
CA GLN D 97 -7.18 -1.91 -0.26
C GLN D 97 -6.24 -2.71 0.62
N ASP D 98 -4.96 -2.84 0.27
CA ASP D 98 -4.08 -3.66 1.09
C ASP D 98 -2.89 -2.87 1.62
N ASP D 99 -2.98 -1.53 1.69
CA ASP D 99 -1.96 -0.69 2.32
C ASP D 99 -0.58 -0.78 1.63
N LYS D 100 -0.59 -1.03 0.33
CA LYS D 100 0.54 -1.08 -0.57
C LYS D 100 0.15 -0.55 -1.91
N ILE D 101 0.94 0.36 -2.47
CA ILE D 101 0.75 0.79 -3.84
C ILE D 101 1.64 0.04 -4.82
N ILE D 102 1.01 -0.42 -5.90
CA ILE D 102 1.66 -1.08 -7.01
C ILE D 102 1.56 -0.12 -8.19
N PHE D 103 2.70 0.16 -8.81
CA PHE D 103 2.85 1.19 -9.83
C PHE D 103 2.81 0.60 -11.23
N GLY D 104 2.25 1.35 -12.17
CA GLY D 104 2.43 0.99 -13.59
C GLY D 104 3.85 1.32 -14.08
N LYS D 105 4.14 1.01 -15.37
CA LYS D 105 5.53 1.14 -15.75
CA LYS D 105 5.50 1.13 -15.87
C LYS D 105 5.93 2.56 -16.13
N GLY D 106 4.95 3.49 -16.20
CA GLY D 106 5.33 4.87 -16.40
C GLY D 106 5.17 5.26 -17.88
N THR D 107 4.73 6.49 -18.14
CA THR D 107 4.72 7.07 -19.51
C THR D 107 5.35 8.44 -19.44
N ARG D 108 6.34 8.69 -20.29
N ARG D 108 6.36 8.69 -20.25
CA ARG D 108 6.98 9.99 -20.37
CA ARG D 108 6.95 10.00 -20.33
C ARG D 108 6.30 10.84 -21.42
C ARG D 108 6.13 10.76 -21.34
N LEU D 109 5.81 12.00 -21.01
CA LEU D 109 5.09 12.89 -21.91
C LEU D 109 6.08 13.86 -22.52
N HIS D 110 6.10 13.94 -23.85
CA HIS D 110 6.97 14.85 -24.58
C HIS D 110 6.08 15.91 -25.23
N ILE D 111 6.39 17.18 -25.00
CA ILE D 111 5.57 18.29 -25.51
C ILE D 111 6.22 18.82 -26.78
N LEU D 112 5.47 18.85 -27.91
CA LEU D 112 6.04 19.38 -29.16
C LEU D 112 5.74 20.89 -29.20
N PRO D 113 6.75 21.76 -29.13
CA PRO D 113 6.48 23.19 -29.07
C PRO D 113 5.89 23.67 -30.39
N ASN D 114 5.09 24.70 -30.31
CA ASN D 114 4.54 25.30 -31.52
C ASN D 114 5.59 26.26 -32.10
N ILE D 115 6.15 25.91 -33.23
CA ILE D 115 7.24 26.66 -33.82
C ILE D 115 6.67 27.35 -35.04
N GLN D 116 6.39 28.64 -34.88
CA GLN D 116 5.72 29.34 -35.96
C GLN D 116 6.65 29.67 -37.12
N ASN D 117 7.92 30.01 -36.85
CA ASN D 117 8.81 30.42 -37.94
C ASN D 117 10.10 29.61 -37.91
N PRO D 118 10.07 28.40 -38.44
CA PRO D 118 11.30 27.57 -38.41
C PRO D 118 12.40 28.17 -39.26
N ASP D 119 13.62 27.95 -38.85
CA ASP D 119 14.76 28.55 -39.45
C ASP D 119 15.90 27.54 -39.37
N PRO D 120 15.66 26.33 -39.88
CA PRO D 120 16.67 25.27 -39.72
C PRO D 120 18.05 25.68 -40.23
N ALA D 121 19.08 25.34 -39.46
CA ALA D 121 20.44 25.79 -39.74
C ALA D 121 21.41 24.84 -39.04
N VAL D 122 22.56 24.64 -39.64
CA VAL D 122 23.68 23.96 -38.97
C VAL D 122 24.83 24.96 -38.76
N TYR D 123 25.20 25.20 -37.52
CA TYR D 123 26.25 26.16 -37.19
C TYR D 123 27.47 25.43 -36.62
N GLN D 124 28.66 26.03 -36.81
CA GLN D 124 29.88 25.51 -36.20
C GLN D 124 30.23 26.40 -35.03
N LEU D 125 30.49 25.81 -33.85
CA LEU D 125 30.80 26.53 -32.64
C LEU D 125 32.22 26.18 -32.24
N ARG D 126 33.03 27.18 -31.96
CA ARG D 126 34.42 26.97 -31.58
C ARG D 126 34.52 26.86 -30.09
N ASP D 127 35.43 26.00 -29.64
CA ASP D 127 35.80 25.90 -28.23
C ASP D 127 36.33 27.26 -27.74
N SER D 128 35.82 27.72 -26.62
CA SER D 128 36.31 29.01 -26.15
C SER D 128 37.75 28.99 -25.68
N LYS D 129 38.32 27.80 -25.48
CA LYS D 129 39.70 27.66 -25.07
C LYS D 129 40.64 27.30 -26.19
N SER D 130 40.12 26.89 -27.35
CA SER D 130 41.02 26.44 -28.42
C SER D 130 40.49 26.82 -29.79
N SER D 131 41.32 27.44 -30.63
CA SER D 131 40.85 27.74 -31.99
C SER D 131 40.67 26.49 -32.84
N ASP D 132 41.13 25.34 -32.37
CA ASP D 132 41.20 24.12 -33.19
C ASP D 132 40.17 23.05 -32.80
N LYS D 133 39.24 23.34 -31.88
CA LYS D 133 38.20 22.38 -31.49
C LYS D 133 36.83 23.02 -31.71
N SER D 134 35.87 22.21 -32.13
CA SER D 134 34.53 22.75 -32.37
C SER D 134 33.48 21.63 -32.35
N VAL D 135 32.20 22.04 -32.31
CA VAL D 135 31.07 21.13 -32.41
C VAL D 135 30.16 21.74 -33.46
N CYS D 136 29.19 20.95 -33.91
CA CYS D 136 28.18 21.35 -34.89
C CYS D 136 26.82 21.34 -34.19
N LEU D 137 26.02 22.35 -34.45
CA LEU D 137 24.73 22.56 -33.77
C LEU D 137 23.71 22.62 -34.88
N PHE D 138 22.82 21.65 -34.94
CA PHE D 138 21.66 21.72 -35.86
C PHE D 138 20.50 22.29 -35.05
N THR D 139 19.92 23.40 -35.49
CA THR D 139 18.94 24.04 -34.62
C THR D 139 17.82 24.67 -35.46
N ASP D 140 16.70 24.95 -34.77
CA ASP D 140 15.61 25.83 -35.26
C ASP D 140 14.76 25.15 -36.33
N PHE D 141 14.81 23.82 -36.34
CA PHE D 141 13.93 23.04 -37.22
C PHE D 141 12.63 22.80 -36.48
N ASP D 142 11.53 22.49 -37.22
CA ASP D 142 10.24 22.27 -36.56
C ASP D 142 10.03 20.78 -36.23
N SER D 143 8.81 20.44 -35.81
CA SER D 143 8.46 19.11 -35.31
C SER D 143 8.49 17.99 -36.41
N GLN D 144 8.64 18.34 -37.63
CA GLN D 144 8.62 17.28 -38.67
C GLN D 144 9.98 16.70 -38.95
N THR D 145 11.02 17.31 -38.40
CA THR D 145 12.38 16.80 -38.54
C THR D 145 12.79 15.97 -37.33
N ASN D 146 13.39 14.83 -37.56
CA ASN D 146 14.02 14.17 -36.43
CA ASN D 146 14.06 14.21 -36.42
C ASN D 146 15.46 13.81 -36.81
N VAL D 147 16.25 13.65 -35.79
CA VAL D 147 17.67 13.45 -35.96
C VAL D 147 17.92 11.95 -35.86
N SER D 148 18.70 11.41 -36.78
CA SER D 148 19.09 10.00 -36.70
C SER D 148 20.46 9.86 -36.04
N GLN D 149 20.73 8.65 -35.59
CA GLN D 149 22.03 8.42 -35.00
C GLN D 149 23.07 8.39 -36.11
N SER D 150 24.32 8.63 -35.77
CA SER D 150 25.33 8.60 -36.82
CA SER D 150 25.31 8.61 -36.83
C SER D 150 25.62 7.15 -37.21
N LYS D 151 26.14 7.00 -38.40
CA LYS D 151 26.57 5.70 -38.93
C LYS D 151 28.08 5.60 -38.89
N ASP D 152 28.72 6.48 -38.15
CA ASP D 152 30.16 6.60 -38.11
C ASP D 152 30.55 6.58 -36.64
N SER D 153 31.26 5.52 -36.24
CA SER D 153 31.49 5.26 -34.83
C SER D 153 32.31 6.36 -34.15
N ASP D 154 32.97 7.22 -34.94
CA ASP D 154 33.77 8.32 -34.39
C ASP D 154 33.03 9.67 -34.43
N VAL D 155 31.75 9.68 -34.82
CA VAL D 155 30.91 10.87 -34.84
C VAL D 155 29.77 10.67 -33.85
N TYR D 156 29.60 11.63 -32.95
CA TYR D 156 28.61 11.54 -31.90
C TYR D 156 27.51 12.53 -32.19
N ILE D 157 26.25 12.08 -32.12
CA ILE D 157 25.08 12.92 -32.37
C ILE D 157 24.04 12.71 -31.27
N THR D 158 23.61 13.81 -30.62
CA THR D 158 22.63 13.74 -29.53
C THR D 158 21.20 13.68 -30.08
N ASP D 159 20.25 13.25 -29.25
CA ASP D 159 18.83 13.37 -29.57
C ASP D 159 18.45 14.85 -29.69
N LYS D 160 17.32 15.14 -30.33
CA LYS D 160 16.87 16.55 -30.29
C LYS D 160 16.38 16.90 -28.88
N CYS D 161 16.52 18.20 -28.54
CA CYS D 161 16.28 18.63 -27.15
C CYS D 161 15.55 19.97 -27.35
N VAL D 162 14.53 20.29 -26.59
CA VAL D 162 13.79 21.58 -26.71
C VAL D 162 14.25 22.52 -25.62
N LEU D 163 14.64 23.74 -25.97
CA LEU D 163 14.90 24.71 -24.91
C LEU D 163 13.86 25.82 -25.01
N ASP D 164 13.63 26.47 -23.89
CA ASP D 164 12.62 27.52 -23.78
C ASP D 164 13.33 28.76 -23.26
N MET D 165 13.61 29.75 -24.12
CA MET D 165 14.24 30.98 -23.66
C MET D 165 13.16 31.89 -23.14
N ARG D 166 13.13 32.01 -21.84
CA ARG D 166 12.10 32.81 -21.22
C ARG D 166 12.32 34.29 -21.46
N SER D 167 13.58 34.71 -21.73
CA SER D 167 13.83 36.14 -21.93
C SER D 167 13.11 36.66 -23.17
N MET D 168 12.87 35.79 -24.14
CA MET D 168 12.27 36.17 -25.43
C MET D 168 11.00 35.37 -25.73
N ASP D 169 10.51 34.58 -24.77
CA ASP D 169 9.37 33.68 -24.98
C ASP D 169 9.55 32.89 -26.27
N PHE D 170 10.65 32.18 -26.38
CA PHE D 170 10.99 31.57 -27.65
C PHE D 170 11.41 30.12 -27.41
N LYS D 171 10.83 29.16 -28.11
CA LYS D 171 11.28 27.77 -27.92
C LYS D 171 12.00 27.27 -29.17
N SER D 172 12.99 26.39 -29.01
CA SER D 172 13.57 25.85 -30.22
C SER D 172 14.14 24.48 -29.95
N ASN D 173 14.22 23.70 -31.06
CA ASN D 173 14.78 22.35 -31.06
C ASN D 173 16.27 22.45 -31.44
N SER D 174 17.10 21.54 -30.90
CA SER D 174 18.47 21.44 -31.44
C SER D 174 19.00 20.04 -31.18
N ALA D 175 20.06 19.72 -31.95
CA ALA D 175 20.87 18.52 -31.69
C ALA D 175 22.33 18.90 -31.92
N VAL D 176 23.23 18.26 -31.20
CA VAL D 176 24.67 18.55 -31.32
C VAL D 176 25.39 17.35 -31.92
N ALA D 177 26.40 17.62 -32.73
CA ALA D 177 27.24 16.57 -33.29
C ALA D 177 28.67 17.00 -33.07
N TRP D 178 29.54 16.01 -32.81
CA TRP D 178 30.96 16.27 -32.71
C TRP D 178 31.77 15.02 -33.07
N SER D 179 33.04 15.25 -33.32
CA SER D 179 33.95 14.17 -33.70
C SER D 179 35.37 14.65 -33.44
N ASN D 180 36.25 13.70 -33.20
CA ASN D 180 37.68 13.97 -33.23
C ASN D 180 38.27 13.83 -34.63
N LYS D 181 37.54 13.21 -35.56
CA LYS D 181 38.06 12.97 -36.89
C LYS D 181 38.39 14.26 -37.62
N SER D 182 39.38 14.14 -38.50
CA SER D 182 39.88 15.24 -39.32
C SER D 182 39.10 15.45 -40.61
N ASP D 183 38.40 14.43 -41.11
CA ASP D 183 37.46 14.63 -42.23
C ASP D 183 36.09 15.17 -41.78
N PHE D 184 35.90 15.50 -40.49
CA PHE D 184 34.59 15.88 -40.01
C PHE D 184 34.34 17.36 -40.25
N ALA D 185 33.20 17.66 -40.88
CA ALA D 185 32.79 19.01 -41.21
C ALA D 185 31.30 19.13 -40.96
N CYS D 186 30.85 20.31 -40.51
CA CYS D 186 29.44 20.51 -40.21
C CYS D 186 28.55 20.27 -41.43
N ALA D 187 29.05 20.53 -42.63
CA ALA D 187 28.25 20.23 -43.82
C ALA D 187 27.89 18.76 -43.91
N ASN D 188 28.70 17.85 -43.33
CA ASN D 188 28.44 16.41 -43.42
CA ASN D 188 28.41 16.42 -43.43
C ASN D 188 27.91 15.80 -42.13
N ALA D 189 27.87 16.56 -41.04
CA ALA D 189 27.64 16.00 -39.73
C ALA D 189 26.30 15.26 -39.63
N PHE D 190 25.24 15.80 -40.24
CA PHE D 190 23.88 15.24 -40.15
C PHE D 190 23.48 14.55 -41.46
N ASN D 191 24.47 14.06 -42.20
CA ASN D 191 24.15 13.40 -43.47
C ASN D 191 23.30 12.15 -43.27
N ASN D 192 23.24 11.58 -42.07
CA ASN D 192 22.40 10.38 -41.91
C ASN D 192 20.98 10.75 -41.48
N SER D 193 20.68 12.05 -41.38
CA SER D 193 19.37 12.52 -40.97
C SER D 193 18.70 13.09 -42.21
N ILE D 194 17.37 13.07 -42.19
CA ILE D 194 16.59 13.76 -43.23
C ILE D 194 16.42 15.20 -42.72
N ILE D 195 17.07 16.17 -43.35
CA ILE D 195 16.98 17.55 -42.81
C ILE D 195 16.16 18.38 -43.79
N PRO D 196 15.65 19.54 -43.39
CA PRO D 196 14.83 20.29 -44.32
C PRO D 196 15.64 20.74 -45.55
N GLU D 197 14.98 20.73 -46.72
CA GLU D 197 15.74 21.14 -47.91
C GLU D 197 16.25 22.59 -47.80
N ASP D 198 15.65 23.42 -46.97
CA ASP D 198 16.15 24.79 -46.89
C ASP D 198 17.00 25.03 -45.64
N THR D 199 17.64 23.99 -45.11
CA THR D 199 18.56 24.18 -43.98
C THR D 199 19.67 25.16 -44.37
N PHE D 200 19.91 26.14 -43.50
CA PHE D 200 20.94 27.16 -43.71
C PHE D 200 22.31 26.58 -43.34
N PHE D 201 23.25 26.58 -44.29
CA PHE D 201 24.63 26.13 -44.05
C PHE D 201 25.53 27.34 -44.24
N PRO D 202 25.83 28.11 -43.21
CA PRO D 202 26.69 29.30 -43.39
C PRO D 202 28.06 28.94 -43.94
N SER D 203 28.61 29.84 -44.78
CA SER D 203 29.93 29.65 -45.39
C SER D 203 31.02 29.72 -44.34
N PRO D 204 31.79 28.64 -44.09
CA PRO D 204 32.81 28.53 -43.04
C PRO D 204 33.80 29.69 -43.04
N ALA E 2 9.62 18.18 4.12
CA ALA E 2 10.88 17.58 4.57
C ALA E 2 10.62 16.57 5.71
N ASP E 3 9.43 15.96 5.67
CA ASP E 3 9.10 14.90 6.63
C ASP E 3 9.97 13.66 6.44
N VAL E 4 10.33 13.33 5.22
CA VAL E 4 11.04 12.10 4.88
C VAL E 4 12.40 12.43 4.31
N THR E 5 13.44 11.94 4.98
CA THR E 5 14.84 12.22 4.70
C THR E 5 15.55 10.92 4.33
N GLN E 6 16.31 10.93 3.25
CA GLN E 6 17.11 9.77 2.83
C GLN E 6 18.58 10.10 2.78
N THR E 7 19.42 9.18 3.25
CA THR E 7 20.83 9.38 3.10
C THR E 7 21.44 8.04 2.72
N PRO E 8 22.43 8.04 1.82
CA PRO E 8 22.95 9.27 1.18
C PRO E 8 22.07 9.66 0.01
N ARG E 9 22.29 10.83 -0.57
CA ARG E 9 21.54 11.20 -1.76
CA ARG E 9 21.55 11.21 -1.77
C ARG E 9 22.19 10.62 -3.01
N ASN E 10 23.48 10.42 -2.99
CA ASN E 10 24.22 9.86 -4.12
C ASN E 10 25.27 8.91 -3.57
N ARG E 11 25.43 7.74 -4.20
CA ARG E 11 26.41 6.77 -3.74
C ARG E 11 26.89 5.98 -4.95
N ILE E 12 28.22 5.85 -5.10
CA ILE E 12 28.87 4.85 -5.97
C ILE E 12 29.35 3.73 -5.08
N THR E 13 29.24 2.49 -5.54
CA THR E 13 29.81 1.39 -4.77
C THR E 13 30.36 0.35 -5.74
N LYS E 14 31.37 -0.40 -5.29
CA LYS E 14 31.87 -1.47 -6.12
C LYS E 14 30.99 -2.68 -5.89
N THR E 15 31.03 -3.63 -6.84
CA THR E 15 30.23 -4.82 -6.65
C THR E 15 30.72 -5.64 -5.45
N GLY E 16 29.84 -6.49 -4.96
CA GLY E 16 30.26 -7.44 -3.94
C GLY E 16 30.27 -6.87 -2.54
N LYS E 17 29.91 -5.62 -2.35
CA LYS E 17 29.93 -4.97 -1.06
C LYS E 17 28.51 -4.85 -0.47
N ARG E 18 28.41 -4.89 0.86
CA ARG E 18 27.15 -4.58 1.52
CA ARG E 18 27.15 -4.57 1.54
C ARG E 18 27.04 -3.05 1.62
N ILE E 19 25.89 -2.52 1.22
CA ILE E 19 25.66 -1.09 1.16
C ILE E 19 24.38 -0.81 1.95
N MET E 20 24.34 0.24 2.76
CA MET E 20 23.16 0.57 3.57
C MET E 20 22.61 1.93 3.16
N LEU E 21 21.30 2.02 2.96
CA LEU E 21 20.58 3.26 2.67
C LEU E 21 19.62 3.52 3.82
N GLU E 22 19.52 4.77 4.26
CA GLU E 22 18.78 5.10 5.47
C GLU E 22 17.62 5.99 5.11
N CYS E 23 16.48 5.74 5.78
CA CYS E 23 15.33 6.61 5.66
C CYS E 23 14.89 7.02 7.06
N SER E 24 14.55 8.30 7.22
CA SER E 24 14.07 8.77 8.51
C SER E 24 12.88 9.68 8.26
N GLN E 25 11.94 9.65 9.17
CA GLN E 25 10.71 10.40 9.02
C GLN E 25 10.43 11.14 10.31
N THR E 26 9.67 12.22 10.18
CA THR E 26 9.29 12.98 11.37
C THR E 26 7.80 12.90 11.69
N LYS E 27 7.00 12.17 10.91
CA LYS E 27 5.55 12.21 11.10
C LYS E 27 5.01 11.09 11.98
N GLY E 28 5.85 10.14 12.40
CA GLY E 28 5.39 9.10 13.30
C GLY E 28 4.50 8.08 12.64
N HIS E 29 4.66 7.88 11.34
CA HIS E 29 3.78 6.97 10.60
C HIS E 29 4.23 5.55 10.84
N ASP E 30 3.26 4.65 11.06
CA ASP E 30 3.66 3.25 11.20
C ASP E 30 4.07 2.59 9.91
N ARG E 31 3.45 2.93 8.79
CA ARG E 31 3.75 2.30 7.49
C ARG E 31 4.94 2.96 6.80
N MET E 32 5.94 2.15 6.43
CA MET E 32 7.10 2.53 5.62
C MET E 32 7.40 1.52 4.54
N TYR E 33 8.03 2.01 3.48
CA TYR E 33 8.20 1.26 2.22
C TYR E 33 9.54 1.62 1.62
N TRP E 34 10.17 0.65 0.95
CA TRP E 34 11.29 0.92 0.06
C TRP E 34 10.91 0.42 -1.33
N TYR E 35 11.02 1.31 -2.30
CA TYR E 35 10.83 1.07 -3.73
C TYR E 35 12.12 1.31 -4.50
N ARG E 36 12.25 0.70 -5.67
CA ARG E 36 13.27 1.18 -6.57
C ARG E 36 12.65 1.48 -7.91
N GLN E 37 13.21 2.47 -8.56
CA GLN E 37 12.72 2.96 -9.83
C GLN E 37 13.80 2.63 -10.86
N ASP E 38 13.34 2.11 -12.01
CA ASP E 38 14.16 1.78 -13.19
C ASP E 38 13.40 2.20 -14.44
N PRO E 39 14.10 2.73 -15.45
CA PRO E 39 13.45 3.07 -16.74
C PRO E 39 12.57 1.93 -17.26
N GLY E 40 11.32 2.27 -17.58
CA GLY E 40 10.40 1.35 -18.18
C GLY E 40 9.80 0.29 -17.28
N LEU E 41 10.15 0.28 -16.00
CA LEU E 41 9.56 -0.66 -15.06
C LEU E 41 8.81 0.04 -13.94
N GLY E 42 8.75 1.38 -13.96
CA GLY E 42 8.02 2.02 -12.87
C GLY E 42 8.79 1.87 -11.58
N LEU E 43 8.06 2.02 -10.48
CA LEU E 43 8.61 1.76 -9.16
C LEU E 43 8.21 0.34 -8.78
N ARG E 44 9.15 -0.42 -8.29
CA ARG E 44 8.82 -1.73 -7.75
C ARG E 44 9.13 -1.79 -6.26
N LEU E 45 8.23 -2.40 -5.52
CA LEU E 45 8.34 -2.45 -4.07
C LEU E 45 9.36 -3.52 -3.64
N ILE E 46 10.32 -3.14 -2.77
CA ILE E 46 11.36 -4.05 -2.35
C ILE E 46 10.92 -4.65 -1.04
N TYR E 47 10.60 -3.79 -0.05
CA TYR E 47 10.19 -4.27 1.25
C TYR E 47 9.26 -3.23 1.85
N TYR E 48 8.45 -3.68 2.80
CA TYR E 48 7.59 -2.75 3.51
C TYR E 48 7.43 -3.22 4.93
N SER E 49 7.08 -2.27 5.82
CA SER E 49 7.08 -2.46 7.26
C SER E 49 5.84 -1.73 7.80
N PHE E 50 5.03 -2.42 8.58
CA PHE E 50 3.85 -1.80 9.18
C PHE E 50 4.01 -1.53 10.66
N ASP E 51 5.17 -1.83 11.24
CA ASP E 51 5.38 -1.58 12.67
C ASP E 51 6.85 -1.83 12.98
N VAL E 52 7.30 -1.36 14.15
CA VAL E 52 8.62 -1.74 14.63
C VAL E 52 8.82 -3.25 14.53
N LYS E 53 9.97 -3.65 13.99
CA LYS E 53 10.40 -5.03 13.79
C LYS E 53 9.52 -5.84 12.84
N ASP E 54 8.53 -5.21 12.21
CA ASP E 54 7.72 -5.92 11.23
C ASP E 54 8.31 -5.76 9.82
N ILE E 55 8.55 -6.87 9.13
CA ILE E 55 9.26 -6.90 7.85
C ILE E 55 8.43 -7.72 6.87
N ASN E 56 8.18 -7.19 5.69
CA ASN E 56 7.45 -7.92 4.65
C ASN E 56 8.13 -7.78 3.31
N LYS E 57 8.32 -8.90 2.62
CA LYS E 57 8.90 -8.85 1.28
C LYS E 57 7.94 -8.23 0.28
N GLY E 58 8.48 -7.45 -0.66
CA GLY E 58 7.67 -6.94 -1.74
C GLY E 58 7.86 -7.77 -3.00
N GLU E 59 7.78 -7.10 -4.13
CA GLU E 59 7.92 -7.73 -5.44
C GLU E 59 9.35 -8.21 -5.73
N ILE E 60 10.36 -7.45 -5.29
CA ILE E 60 11.72 -7.71 -5.73
C ILE E 60 12.64 -7.67 -4.51
N SER E 61 12.37 -8.51 -3.53
CA SER E 61 13.19 -8.44 -2.33
C SER E 61 14.52 -9.17 -2.44
N ASP E 62 14.75 -9.96 -3.49
CA ASP E 62 15.97 -10.77 -3.53
C ASP E 62 17.20 -9.88 -3.66
N GLY E 63 18.22 -10.16 -2.85
CA GLY E 63 19.42 -9.37 -2.80
C GLY E 63 19.34 -8.16 -1.87
N TYR E 64 18.23 -7.98 -1.17
CA TYR E 64 18.06 -6.89 -0.23
C TYR E 64 17.68 -7.42 1.14
N SER E 65 17.95 -6.60 2.17
CA SER E 65 17.34 -6.81 3.50
C SER E 65 17.00 -5.45 4.08
N VAL E 66 16.20 -5.45 5.14
CA VAL E 66 15.78 -4.22 5.77
C VAL E 66 15.79 -4.43 7.27
N SER E 67 15.82 -3.32 7.98
CA SER E 67 15.60 -3.38 9.41
C SER E 67 14.75 -2.18 9.80
N ARG E 68 13.95 -2.39 10.86
CA ARG E 68 12.97 -1.42 11.33
C ARG E 68 13.06 -1.46 12.85
N GLN E 69 14.22 -1.06 13.38
CA GLN E 69 14.37 -1.10 14.82
C GLN E 69 13.61 0.00 15.52
N ALA E 70 13.30 1.10 14.84
CA ALA E 70 12.59 2.23 15.44
C ALA E 70 11.49 2.67 14.49
N GLN E 71 10.49 3.33 15.06
CA GLN E 71 9.39 3.79 14.23
C GLN E 71 9.86 4.83 13.24
N ALA E 72 10.78 5.70 13.65
CA ALA E 72 11.16 6.81 12.77
C ALA E 72 12.11 6.42 11.62
N LYS E 73 12.71 5.23 11.64
CA LYS E 73 13.77 4.89 10.69
C LYS E 73 13.48 3.57 10.00
N PHE E 74 13.83 3.48 8.71
CA PHE E 74 13.69 2.25 7.95
C PHE E 74 14.94 2.11 7.08
N SER E 75 15.74 1.04 7.33
CA SER E 75 17.05 0.84 6.68
C SER E 75 16.97 -0.22 5.60
N LEU E 76 17.55 0.07 4.42
CA LEU E 76 17.66 -0.90 3.35
C LEU E 76 19.11 -1.25 3.12
N SER E 77 19.42 -2.52 3.04
CA SER E 77 20.78 -2.97 2.73
C SER E 77 20.75 -3.76 1.43
N LEU E 78 21.69 -3.42 0.53
CA LEU E 78 22.10 -4.35 -0.54
C LEU E 78 23.05 -5.33 0.11
N GLU E 79 22.67 -6.60 0.11
CA GLU E 79 23.47 -7.63 0.77
C GLU E 79 24.84 -7.79 0.09
N SER E 80 24.87 -7.80 -1.24
CA SER E 80 26.13 -8.03 -1.95
C SER E 80 25.95 -7.41 -3.33
N ALA E 81 26.33 -6.15 -3.44
CA ALA E 81 25.82 -5.33 -4.53
C ALA E 81 26.28 -5.88 -5.86
N ILE E 82 25.35 -5.86 -6.82
CA ILE E 82 25.62 -6.27 -8.22
C ILE E 82 25.18 -5.13 -9.12
N PRO E 83 25.71 -5.09 -10.35
CA PRO E 83 25.46 -3.91 -11.21
C PRO E 83 24.01 -3.63 -11.49
N ASN E 84 23.17 -4.65 -11.59
CA ASN E 84 21.73 -4.52 -11.82
CA ASN E 84 21.79 -4.32 -11.91
C ASN E 84 21.01 -3.78 -10.71
N GLN E 85 21.63 -3.60 -9.57
CA GLN E 85 21.00 -2.86 -8.49
C GLN E 85 21.27 -1.36 -8.60
N THR E 86 21.94 -0.93 -9.65
CA THR E 86 22.02 0.50 -10.00
C THR E 86 20.61 1.03 -10.23
N ALA E 87 20.22 2.10 -9.51
CA ALA E 87 18.82 2.51 -9.60
C ALA E 87 18.64 3.76 -8.77
N LEU E 88 17.42 4.28 -8.86
CA LEU E 88 16.98 5.33 -7.93
C LEU E 88 16.09 4.68 -6.87
N TYR E 89 16.42 4.87 -5.60
CA TYR E 89 15.74 4.17 -4.51
C TYR E 89 14.92 5.19 -3.75
N PHE E 90 13.65 4.89 -3.49
CA PHE E 90 12.76 5.83 -2.82
C PHE E 90 12.20 5.14 -1.60
N CYS E 91 12.34 5.79 -0.45
N CYS E 91 12.31 5.79 -0.45
CA CYS E 91 11.59 5.33 0.70
CA CYS E 91 11.63 5.32 0.74
C CYS E 91 10.28 6.11 0.71
C CYS E 91 10.40 6.19 0.97
N ALA E 92 9.30 5.58 1.43
CA ALA E 92 8.02 6.27 1.57
C ALA E 92 7.41 5.95 2.91
N THR E 93 6.56 6.87 3.38
CA THR E 93 5.70 6.56 4.52
C THR E 93 4.26 6.64 4.04
N SER E 94 3.36 6.05 4.79
CA SER E 94 1.95 6.21 4.49
C SER E 94 1.25 6.53 5.79
N ASP E 95 0.25 7.44 5.75
CA ASP E 95 -0.64 7.64 6.90
C ASP E 95 -1.72 6.57 6.86
N GLU E 96 -2.80 6.81 7.56
CA GLU E 96 -3.83 5.79 7.73
C GLU E 96 -4.89 5.80 6.65
N SER E 97 -4.76 6.66 5.63
CA SER E 97 -5.79 6.81 4.62
C SER E 97 -5.13 6.99 3.26
N TYR E 98 -4.09 6.19 3.03
CA TYR E 98 -3.44 6.05 1.75
C TYR E 98 -2.81 7.35 1.28
N GLY E 99 -2.35 8.16 2.24
CA GLY E 99 -1.53 9.32 1.93
C GLY E 99 -0.05 9.02 2.06
N TYR E 100 0.66 8.87 0.92
CA TYR E 100 2.07 8.51 0.89
C TYR E 100 2.89 9.79 0.83
N THR E 101 4.03 9.77 1.50
CA THR E 101 5.04 10.80 1.36
C THR E 101 6.29 10.08 0.91
N PHE E 102 6.80 10.44 -0.26
CA PHE E 102 8.03 9.80 -0.77
C PHE E 102 9.25 10.65 -0.39
N GLY E 103 10.36 9.99 -0.09
CA GLY E 103 11.60 10.71 0.07
C GLY E 103 12.10 11.24 -1.28
N SER E 104 13.16 12.07 -1.24
CA SER E 104 13.71 12.70 -2.44
C SER E 104 14.48 11.72 -3.31
N GLY E 105 14.80 10.57 -2.78
CA GLY E 105 15.48 9.61 -3.65
C GLY E 105 16.95 9.45 -3.31
N THR E 106 17.48 8.27 -3.60
CA THR E 106 18.91 7.98 -3.46
C THR E 106 19.33 7.40 -4.79
N ARG E 107 20.27 8.05 -5.44
CA ARG E 107 20.82 7.56 -6.71
C ARG E 107 22.03 6.70 -6.41
N LEU E 108 21.93 5.40 -6.72
CA LEU E 108 22.94 4.44 -6.37
C LEU E 108 23.47 3.83 -7.67
N THR E 109 24.77 3.87 -7.86
CA THR E 109 25.42 3.21 -8.99
C THR E 109 26.37 2.16 -8.47
N VAL E 110 26.24 0.94 -8.99
CA VAL E 110 27.09 -0.17 -8.60
C VAL E 110 27.96 -0.45 -9.80
N VAL E 111 29.29 -0.42 -9.63
CA VAL E 111 30.19 -0.68 -10.77
C VAL E 111 31.03 -1.89 -10.42
N GLU E 112 31.45 -2.64 -11.46
CA GLU E 112 32.31 -3.80 -11.20
C GLU E 112 33.70 -3.39 -10.75
N ASP E 113 34.25 -2.33 -11.30
CA ASP E 113 35.67 -2.07 -11.14
C ASP E 113 35.81 -0.58 -10.91
N LEU E 114 36.16 -0.20 -9.68
CA LEU E 114 36.35 1.21 -9.36
C LEU E 114 37.51 1.80 -10.13
N ASN E 115 38.43 0.96 -10.67
CA ASN E 115 39.50 1.54 -11.47
C ASN E 115 38.99 2.27 -12.69
N LYS E 116 37.76 2.00 -13.12
CA LYS E 116 37.28 2.63 -14.36
C LYS E 116 36.66 4.00 -14.08
N VAL E 117 36.55 4.36 -12.82
CA VAL E 117 35.86 5.63 -12.47
C VAL E 117 36.72 6.78 -13.00
N SER E 118 36.07 7.83 -13.55
CA SER E 118 36.84 8.85 -14.27
C SER E 118 35.97 10.11 -14.33
N PRO E 119 36.48 11.25 -13.85
CA PRO E 119 35.69 12.48 -13.86
C PRO E 119 35.56 13.01 -15.27
N PRO E 120 34.56 13.87 -15.53
CA PRO E 120 34.43 14.49 -16.87
C PRO E 120 35.52 15.49 -17.16
N GLU E 121 35.92 15.57 -18.40
CA GLU E 121 36.45 16.84 -18.90
C GLU E 121 35.31 17.71 -19.44
N VAL E 122 35.41 19.04 -19.30
CA VAL E 122 34.26 19.89 -19.67
C VAL E 122 34.78 20.97 -20.56
N ALA E 123 34.05 21.28 -21.64
CA ALA E 123 34.46 22.36 -22.53
C ALA E 123 33.21 23.17 -22.90
N VAL E 124 33.36 24.49 -23.06
CA VAL E 124 32.26 25.36 -23.53
CA VAL E 124 32.24 25.32 -23.55
C VAL E 124 32.59 25.83 -24.92
N PHE E 125 31.62 25.72 -25.84
CA PHE E 125 31.78 26.10 -27.23
C PHE E 125 30.94 27.35 -27.44
N GLU E 126 31.52 28.39 -28.11
CA GLU E 126 30.90 29.70 -28.23
C GLU E 126 29.97 29.80 -29.43
N PRO E 127 28.94 30.64 -29.28
CA PRO E 127 28.00 30.93 -30.39
C PRO E 127 28.73 31.31 -31.66
N SER E 128 28.20 30.89 -32.79
CA SER E 128 28.81 31.27 -34.06
C SER E 128 28.31 32.65 -34.47
N GLU E 129 29.16 33.38 -35.17
CA GLU E 129 28.75 34.67 -35.67
C GLU E 129 27.63 34.52 -36.67
N ALA E 130 27.64 33.41 -37.40
CA ALA E 130 26.57 33.20 -38.37
C ALA E 130 25.20 33.07 -37.67
N GLU E 131 25.16 32.40 -36.51
CA GLU E 131 23.88 32.28 -35.80
C GLU E 131 23.42 33.65 -35.36
N ILE E 132 24.33 34.41 -34.75
CA ILE E 132 24.02 35.74 -34.27
C ILE E 132 23.48 36.60 -35.40
N SER E 133 24.15 36.57 -36.56
CA SER E 133 23.71 37.32 -37.73
CA SER E 133 23.69 37.35 -37.68
C SER E 133 22.32 36.89 -38.18
N HIS E 134 22.12 35.58 -38.28
CA HIS E 134 20.90 35.04 -38.86
C HIS E 134 19.69 35.17 -37.94
N THR E 135 19.87 35.05 -36.64
CA THR E 135 18.76 34.95 -35.70
C THR E 135 18.74 36.00 -34.60
N GLN E 136 19.84 36.70 -34.35
CA GLN E 136 19.95 37.61 -33.21
C GLN E 136 19.82 36.86 -31.88
N LYS E 137 20.20 35.59 -31.90
CA LYS E 137 20.29 34.76 -30.72
C LYS E 137 21.64 34.09 -30.72
N ALA E 138 22.02 33.52 -29.59
CA ALA E 138 23.38 33.00 -29.43
C ALA E 138 23.35 31.75 -28.57
N THR E 139 23.74 30.59 -29.14
CA THR E 139 23.67 29.32 -28.40
C THR E 139 25.06 28.92 -27.96
N LEU E 140 25.27 28.75 -26.64
CA LEU E 140 26.50 28.12 -26.18
C LEU E 140 26.27 26.62 -26.04
N VAL E 141 27.32 25.83 -26.20
CA VAL E 141 27.15 24.38 -26.02
C VAL E 141 28.18 23.93 -24.98
N CYS E 142 27.75 23.11 -24.01
CA CYS E 142 28.67 22.52 -23.03
C CYS E 142 28.84 21.05 -23.42
N LEU E 143 30.07 20.51 -23.46
CA LEU E 143 30.26 19.07 -23.64
C LEU E 143 31.07 18.55 -22.46
N ALA E 144 30.57 17.53 -21.81
CA ALA E 144 31.23 16.83 -20.69
C ALA E 144 31.55 15.46 -21.25
N THR E 145 32.81 15.08 -21.26
CA THR E 145 33.23 13.86 -21.95
C THR E 145 34.12 13.01 -21.05
N GLY E 146 34.23 11.72 -21.43
CA GLY E 146 35.23 10.87 -20.79
C GLY E 146 34.91 10.50 -19.36
N PHE E 147 33.65 10.51 -18.93
CA PHE E 147 33.41 10.23 -17.51
C PHE E 147 32.77 8.87 -17.32
N TYR E 148 32.89 8.33 -16.08
CA TYR E 148 32.36 7.02 -15.77
C TYR E 148 32.29 6.99 -14.25
N PRO E 149 31.24 6.49 -13.65
CA PRO E 149 30.04 5.98 -14.32
C PRO E 149 29.13 7.11 -14.76
N ASP E 150 27.94 6.75 -15.21
CA ASP E 150 26.98 7.74 -15.66
C ASP E 150 26.25 8.31 -14.45
N HIS E 151 26.92 9.25 -13.78
CA HIS E 151 26.39 9.70 -12.48
C HIS E 151 26.83 11.17 -12.33
N VAL E 152 26.22 12.07 -13.13
CA VAL E 152 26.56 13.52 -13.11
C VAL E 152 25.29 14.38 -13.04
N GLU E 153 25.48 15.66 -12.70
CA GLU E 153 24.44 16.69 -12.81
C GLU E 153 25.05 17.90 -13.46
N LEU E 154 24.46 18.37 -14.56
CA LEU E 154 25.06 19.49 -15.28
C LEU E 154 24.17 20.71 -15.07
N SER E 155 24.78 21.91 -14.79
CA SER E 155 23.99 23.12 -14.63
C SER E 155 24.76 24.26 -15.27
N TRP E 156 24.05 25.32 -15.57
CA TRP E 156 24.67 26.51 -16.12
C TRP E 156 24.56 27.65 -15.13
N TRP E 157 25.62 28.46 -15.08
CA TRP E 157 25.72 29.62 -14.15
C TRP E 157 26.07 30.87 -14.95
N VAL E 158 25.22 31.88 -14.89
CA VAL E 158 25.40 33.10 -15.66
C VAL E 158 25.62 34.21 -14.64
N ASN E 159 26.76 34.88 -14.74
CA ASN E 159 27.13 35.93 -13.81
C ASN E 159 26.99 35.47 -12.35
N GLY E 160 27.36 34.21 -12.12
CA GLY E 160 27.38 33.53 -10.82
C GLY E 160 26.02 33.14 -10.28
N LYS E 161 25.01 33.08 -11.13
CA LYS E 161 23.66 32.67 -10.70
C LYS E 161 23.21 31.47 -11.57
N GLU E 162 22.65 30.44 -10.91
CA GLU E 162 22.30 29.22 -11.66
C GLU E 162 21.08 29.58 -12.52
N VAL E 163 21.07 29.17 -13.79
CA VAL E 163 19.93 29.54 -14.65
C VAL E 163 19.32 28.26 -15.19
N HIS E 164 17.99 28.27 -15.36
CA HIS E 164 17.28 27.16 -16.03
C HIS E 164 16.67 27.59 -17.37
N SER E 165 16.39 28.87 -17.51
CA SER E 165 15.81 29.39 -18.74
C SER E 165 16.79 29.33 -19.90
N GLY E 166 16.30 28.90 -21.07
CA GLY E 166 17.16 28.81 -22.23
C GLY E 166 18.11 27.63 -22.23
N VAL E 167 17.92 26.65 -21.32
CA VAL E 167 18.82 25.50 -21.22
C VAL E 167 18.10 24.24 -21.71
N CYS E 168 18.83 23.34 -22.40
CA CYS E 168 18.33 21.99 -22.65
C CYS E 168 19.56 21.07 -22.50
N THR E 169 19.50 20.10 -21.60
CA THR E 169 20.57 19.11 -21.40
C THR E 169 20.05 17.76 -21.87
N ASP E 170 20.89 16.99 -22.52
CA ASP E 170 20.41 15.68 -22.96
C ASP E 170 19.87 14.90 -21.77
N PRO E 171 18.80 14.15 -21.92
CA PRO E 171 18.27 13.45 -20.76
C PRO E 171 19.11 12.23 -20.35
N GLN E 172 19.90 11.65 -21.26
CA GLN E 172 20.80 10.53 -20.95
CA GLN E 172 20.83 10.56 -20.91
C GLN E 172 22.15 10.81 -21.62
N PRO E 173 23.27 10.55 -20.97
CA PRO E 173 24.57 10.66 -21.68
C PRO E 173 24.65 9.57 -22.73
N LEU E 174 25.50 9.78 -23.73
CA LEU E 174 25.71 8.67 -24.66
C LEU E 174 27.04 7.96 -24.36
N LYS E 175 27.20 6.75 -24.89
CA LYS E 175 28.44 5.99 -24.68
C LYS E 175 29.49 6.38 -25.71
N GLU E 176 30.73 6.66 -25.28
CA GLU E 176 31.78 7.00 -26.25
C GLU E 176 32.25 5.76 -27.03
N GLN E 177 32.11 4.58 -26.44
CA GLN E 177 32.47 3.30 -27.08
C GLN E 177 31.35 2.30 -26.84
N PRO E 178 30.28 2.39 -27.62
CA PRO E 178 29.05 1.64 -27.27
C PRO E 178 29.25 0.11 -27.20
N ALA E 179 30.28 -0.43 -27.84
CA ALA E 179 30.52 -1.87 -27.78
C ALA E 179 31.12 -2.31 -26.46
N LEU E 180 31.53 -1.39 -25.60
CA LEU E 180 32.14 -1.80 -24.33
C LEU E 180 31.16 -1.62 -23.18
N ASN E 181 31.08 -2.65 -22.31
CA ASN E 181 30.15 -2.56 -21.19
CA ASN E 181 30.17 -2.59 -21.17
C ASN E 181 30.63 -1.60 -20.10
N ASP E 182 31.90 -1.19 -20.13
CA ASP E 182 32.35 -0.12 -19.22
C ASP E 182 32.86 1.10 -19.99
N SER E 183 32.23 1.37 -21.15
CA SER E 183 32.45 2.62 -21.88
C SER E 183 32.31 3.86 -20.99
N ARG E 184 33.17 4.86 -21.26
CA ARG E 184 32.96 6.20 -20.74
C ARG E 184 31.86 6.89 -21.53
N TYR E 185 31.37 7.98 -20.91
CA TYR E 185 30.15 8.66 -21.31
C TYR E 185 30.46 10.09 -21.72
N ALA E 186 29.51 10.66 -22.48
CA ALA E 186 29.55 12.06 -22.83
C ALA E 186 28.16 12.65 -22.77
N LEU E 187 28.08 13.93 -22.44
CA LEU E 187 26.76 14.54 -22.26
C LEU E 187 26.85 15.95 -22.82
N SER E 188 25.81 16.42 -23.54
CA SER E 188 25.89 17.79 -24.02
C SER E 188 24.75 18.60 -23.42
N SER E 189 24.92 19.90 -23.40
CA SER E 189 23.83 20.78 -22.99
C SER E 189 23.95 22.05 -23.80
N ARG E 190 22.84 22.76 -24.00
CA ARG E 190 22.84 24.04 -24.70
C ARG E 190 22.33 25.10 -23.77
N LEU E 191 22.85 26.31 -23.92
CA LEU E 191 22.27 27.49 -23.24
C LEU E 191 22.11 28.55 -24.32
N ARG E 192 20.89 29.02 -24.56
CA ARG E 192 20.71 30.04 -25.56
C ARG E 192 20.29 31.37 -24.93
N VAL E 193 20.96 32.44 -25.35
CA VAL E 193 20.68 33.79 -24.87
C VAL E 193 20.50 34.75 -26.05
N SER E 194 20.07 35.99 -25.77
CA SER E 194 19.95 36.94 -26.86
C SER E 194 21.36 37.31 -27.33
N ALA E 195 21.48 37.71 -28.59
CA ALA E 195 22.78 38.14 -29.09
C ALA E 195 23.28 39.35 -28.32
N THR E 196 22.40 40.30 -27.99
CA THR E 196 22.81 41.47 -27.20
C THR E 196 23.42 41.03 -25.86
N PHE E 197 22.86 40.01 -25.23
CA PHE E 197 23.42 39.54 -23.96
C PHE E 197 24.80 38.91 -24.16
N TRP E 198 24.92 38.05 -25.17
CA TRP E 198 26.21 37.42 -25.47
C TRP E 198 27.25 38.47 -25.86
N GLN E 199 26.81 39.57 -26.48
CA GLN E 199 27.75 40.56 -26.96
C GLN E 199 28.29 41.46 -25.87
N ASN E 200 27.79 41.38 -24.64
CA ASN E 200 28.33 42.19 -23.55
C ASN E 200 29.52 41.46 -22.93
N PRO E 201 30.76 41.96 -23.05
CA PRO E 201 31.91 41.18 -22.59
C PRO E 201 32.04 41.05 -21.07
N ARG E 202 31.25 41.79 -20.27
CA ARG E 202 31.24 41.53 -18.84
C ARG E 202 30.53 40.25 -18.47
N ASN E 203 29.62 39.76 -19.32
CA ASN E 203 28.85 38.59 -18.97
C ASN E 203 29.68 37.33 -18.96
N HIS E 204 29.46 36.53 -17.94
CA HIS E 204 30.26 35.34 -17.68
C HIS E 204 29.35 34.12 -17.66
N PHE E 205 29.74 33.09 -18.41
CA PHE E 205 28.93 31.90 -18.61
C PHE E 205 29.74 30.69 -18.18
N ARG E 206 29.19 29.90 -17.27
CA ARG E 206 29.93 28.72 -16.79
C ARG E 206 29.03 27.48 -16.89
N CYS E 207 29.57 26.41 -17.45
N CYS E 207 29.52 26.41 -17.46
CA CYS E 207 28.95 25.08 -17.43
CA CYS E 207 28.79 25.16 -17.36
C CYS E 207 29.60 24.32 -16.28
C CYS E 207 29.53 24.27 -16.36
N GLN E 208 28.78 23.83 -15.35
CA GLN E 208 29.25 23.11 -14.19
C GLN E 208 28.77 21.66 -14.26
N VAL E 209 29.68 20.70 -14.05
CA VAL E 209 29.30 19.29 -13.95
C VAL E 209 29.66 18.77 -12.56
N GLN E 210 28.64 18.46 -11.78
CA GLN E 210 28.86 17.73 -10.54
C GLN E 210 29.00 16.26 -10.88
N PHE E 211 30.12 15.68 -10.51
CA PHE E 211 30.43 14.28 -10.77
C PHE E 211 30.41 13.53 -9.45
N TYR E 212 29.78 12.36 -9.42
CA TYR E 212 29.84 11.48 -8.23
C TYR E 212 30.77 10.29 -8.50
N GLY E 213 31.78 10.14 -7.63
CA GLY E 213 32.85 9.19 -7.90
C GLY E 213 33.30 8.62 -6.59
N LEU E 214 34.60 8.53 -6.37
CA LEU E 214 35.13 7.85 -5.19
C LEU E 214 35.07 8.78 -3.96
N SER E 215 35.14 8.16 -2.81
CA SER E 215 35.21 8.95 -1.57
C SER E 215 36.61 8.80 -0.96
N GLU E 216 36.83 9.48 0.16
CA GLU E 216 38.13 9.37 0.82
C GLU E 216 38.40 7.94 1.27
N ASN E 217 37.34 7.22 1.67
CA ASN E 217 37.49 5.83 2.13
C ASN E 217 38.07 4.93 1.04
N ASP E 218 37.63 5.10 -0.21
CA ASP E 218 38.08 4.25 -1.31
C ASP E 218 39.60 4.29 -1.51
N GLU E 219 40.17 3.16 -1.90
CA GLU E 219 41.61 3.12 -2.13
C GLU E 219 41.88 3.50 -3.58
N TRP E 220 43.07 4.05 -3.83
CA TRP E 220 43.40 4.43 -5.19
C TRP E 220 44.86 4.17 -5.48
N THR E 221 45.05 3.50 -6.61
CA THR E 221 46.30 2.85 -6.89
C THR E 221 46.89 3.36 -8.20
N GLN E 222 46.13 4.15 -8.97
CA GLN E 222 46.63 4.66 -10.24
C GLN E 222 47.44 5.95 -10.10
N ASP E 223 48.26 6.21 -11.13
CA ASP E 223 49.04 7.45 -11.22
C ASP E 223 48.12 8.66 -11.39
N ARG E 224 47.11 8.57 -12.23
CA ARG E 224 46.25 9.74 -12.45
C ARG E 224 45.54 10.11 -11.17
N ALA E 225 45.03 11.33 -11.13
CA ALA E 225 44.44 11.81 -9.89
C ALA E 225 43.29 10.91 -9.48
N LYS E 226 43.15 10.68 -8.18
CA LYS E 226 42.00 9.91 -7.68
C LYS E 226 40.68 10.54 -8.14
N PRO E 227 39.78 9.76 -8.74
CA PRO E 227 38.56 10.37 -9.30
C PRO E 227 37.44 10.51 -8.27
N VAL E 228 37.65 11.41 -7.34
CA VAL E 228 36.67 11.64 -6.29
C VAL E 228 35.47 12.43 -6.84
N THR E 229 34.35 12.35 -6.13
CA THR E 229 33.24 13.28 -6.31
C THR E 229 33.76 14.70 -6.33
N GLN E 230 33.36 15.48 -7.32
CA GLN E 230 34.00 16.77 -7.53
C GLN E 230 33.18 17.50 -8.55
N ILE E 231 33.43 18.82 -8.66
CA ILE E 231 32.81 19.63 -9.72
C ILE E 231 33.89 20.00 -10.73
N VAL E 232 33.57 19.84 -12.01
CA VAL E 232 34.44 20.27 -13.09
C VAL E 232 33.63 21.30 -13.88
N SER E 233 34.24 22.45 -14.13
CA SER E 233 33.53 23.49 -14.90
C SER E 233 34.34 23.93 -16.10
N ALA E 234 33.65 24.55 -17.08
CA ALA E 234 34.36 25.36 -18.07
C ALA E 234 33.60 26.67 -18.25
N GLU E 235 34.27 27.71 -18.72
CA GLU E 235 33.64 29.04 -18.74
C GLU E 235 33.95 29.77 -20.05
N ALA E 236 33.10 30.72 -20.38
CA ALA E 236 33.37 31.61 -21.49
C ALA E 236 32.85 32.97 -21.05
N TRP E 237 33.42 34.02 -21.61
CA TRP E 237 32.92 35.37 -21.41
C TRP E 237 32.24 35.87 -22.68
N GLY E 238 31.30 36.80 -22.53
CA GLY E 238 30.78 37.52 -23.70
C GLY E 238 31.80 38.05 -24.69
N ARG E 239 31.33 38.36 -25.90
CA ARG E 239 32.24 38.71 -26.99
C ARG E 239 31.58 39.80 -27.83
N ALA E 240 32.18 40.97 -27.88
CA ALA E 240 31.53 42.06 -28.62
C ALA E 240 31.64 41.88 -30.12
N ASP E 241 32.73 41.28 -30.57
CA ASP E 241 33.12 41.22 -31.99
C ASP E 241 32.87 42.50 -32.79
#